data_8FDB
#
_entry.id   8FDB
#
_cell.length_a   71.885
_cell.length_b   113.142
_cell.length_c   171.008
_cell.angle_alpha   90.00
_cell.angle_beta   90.00
_cell.angle_gamma   90.00
#
_symmetry.space_group_name_H-M   'C 2 2 21'
#
loop_
_entity.id
_entity.type
_entity.pdbx_description
1 polymer 'Glutamine-fructose-6-phosphate transaminase (Isomerizing)'
2 polymer 'Glutamine-fructose-6-phosphate transaminase (Isomerizing)'
3 non-polymer '2-DEOXY-2-AMINO GLUCITOL-6-PHOSPHATE'
4 non-polymer 'MAGNESIUM ION'
5 non-polymer GLYCEROL
6 water water
#
loop_
_entity_poly.entity_id
_entity_poly.type
_entity_poly.pdbx_seq_one_letter_code
_entity_poly.pdbx_strand_id
1 'polypeptide(L)'
;MTTNTIMEQEARTAPQKIAEQLLANDAITESLGSVLREFKPKFVMIVGRGSSDHAGVFAKYLFEIEASIPTFAAAPSVAS
VYGKTLKLAGGLVIVISQSGRSPDILAQARMAKNAGAFCVALVNDETAPIKDIVDVVIPLRAGEEKAVAATKSYLATLSA
LLQVAAKWTQNESLVEAVNSLPQALQAAVDAEPQLRAGSLTDVKNLVVLGRGFGYAVSKEIALKLKEVCAIHAEAFSSAE
FLHGPVTLVEKKLSILDVCIRDESYGSHVEQIANVKQRGANLIHLHQTSADIHPRIAPLALLQRFYIDVAAVAIALGINP
DKPAGLKKVTQTL
;
A
2 'polypeptide(L)'
;MTTNTIMEQEARTAPQKIAEQLLANDAITESLGSVLREFKPKFVMIVGRGSSDHAGVFAKYLFEIEASIPTFAAAPSVAS
VYGKTLKLAGGLVIVISQSGRSPDILAQARMAKNAGAFCVALVNDETAPIKDIVDVVIPLRAGEEKAVAATKSYLATLSA
LLQVAAKWTQNESLVEAVNSLPQALQAAVDAEPQLRAGSLTDVKNLVVLGRGFGYAVSKEIALKLKEVCAIHAEAFSSAE
FLHGPVTLVE(KCX)KLSILDVCIRDESYGSHVEQIANVKQRGANLIHLHQTSADIHPRIAPLALLQRFYIDVAAVAIAL
GINPDKPAGLKKVTQTL
;
B
#
loop_
_chem_comp.id
_chem_comp.type
_chem_comp.name
_chem_comp.formula
AGP non-polymer '2-DEOXY-2-AMINO GLUCITOL-6-PHOSPHATE' 'C6 H16 N O8 P'
GOL non-polymer GLYCEROL 'C3 H8 O3'
MG non-polymer 'MAGNESIUM ION' 'Mg 2'
#
# COMPACT_ATOMS: atom_id res chain seq x y z
N THR A 2 -7.00 -23.70 -23.36
CA THR A 2 -7.05 -24.75 -22.33
C THR A 2 -5.67 -25.43 -22.20
N THR A 3 -4.69 -24.67 -21.71
CA THR A 3 -3.32 -25.12 -21.63
C THR A 3 -3.18 -26.26 -20.62
N ASN A 4 -2.08 -27.00 -20.73
CA ASN A 4 -1.79 -28.10 -19.83
C ASN A 4 -0.86 -27.68 -18.70
N THR A 5 -0.86 -26.40 -18.35
CA THR A 5 0.00 -25.90 -17.29
C THR A 5 -0.50 -26.36 -15.92
N ILE A 6 0.45 -26.48 -14.98
CA ILE A 6 0.09 -26.84 -13.60
C ILE A 6 -0.74 -25.74 -12.97
N MET A 7 -0.42 -24.47 -13.29
CA MET A 7 -1.18 -23.34 -12.75
C MET A 7 -2.66 -23.48 -13.05
N GLU A 8 -3.01 -23.81 -14.29
CA GLU A 8 -4.43 -23.91 -14.65
C GLU A 8 -5.09 -25.07 -13.94
N GLN A 9 -4.40 -26.22 -13.85
CA GLN A 9 -4.97 -27.38 -13.18
C GLN A 9 -5.28 -27.06 -11.73
N GLU A 10 -4.33 -26.43 -11.05
CA GLU A 10 -4.51 -26.04 -9.65
C GLU A 10 -5.64 -25.02 -9.51
N ALA A 11 -5.68 -24.03 -10.40
CA ALA A 11 -6.73 -23.00 -10.37
C ALA A 11 -8.12 -23.62 -10.49
N ARG A 12 -8.28 -24.60 -11.38
CA ARG A 12 -9.58 -25.22 -11.64
C ARG A 12 -10.07 -26.12 -10.51
N THR A 13 -9.19 -26.56 -9.60
CA THR A 13 -9.59 -27.34 -8.44
C THR A 13 -10.09 -26.48 -7.27
N ALA A 14 -9.91 -25.16 -7.33
CA ALA A 14 -10.29 -24.29 -6.22
C ALA A 14 -11.73 -24.48 -5.73
N PRO A 15 -12.76 -24.57 -6.58
CA PRO A 15 -14.13 -24.68 -6.04
C PRO A 15 -14.31 -25.89 -5.14
N GLN A 16 -13.81 -27.05 -5.57
CA GLN A 16 -13.93 -28.26 -4.77
C GLN A 16 -13.05 -28.22 -3.53
N LYS A 17 -11.83 -27.69 -3.66
CA LYS A 17 -10.92 -27.60 -2.52
C LYS A 17 -11.50 -26.70 -1.44
N ILE A 18 -12.14 -25.60 -1.84
CA ILE A 18 -12.75 -24.68 -0.89
C ILE A 18 -14.04 -25.25 -0.32
N ALA A 19 -14.82 -25.97 -1.14
CA ALA A 19 -16.00 -26.63 -0.59
C ALA A 19 -15.61 -27.57 0.55
N GLU A 20 -14.58 -28.40 0.32
CA GLU A 20 -14.10 -29.28 1.39
C GLU A 20 -13.55 -28.48 2.59
N GLN A 21 -12.84 -27.39 2.30
CA GLN A 21 -12.26 -26.55 3.35
C GLN A 21 -13.30 -25.96 4.28
N LEU A 22 -14.35 -25.35 3.73
CA LEU A 22 -15.33 -24.67 4.58
C LEU A 22 -15.99 -25.66 5.53
N LEU A 23 -16.36 -26.84 5.04
CA LEU A 23 -16.94 -27.86 5.91
C LEU A 23 -15.94 -28.28 6.98
N ALA A 24 -14.72 -28.61 6.57
CA ALA A 24 -13.69 -29.08 7.51
C ALA A 24 -13.32 -28.04 8.57
N ASN A 25 -13.43 -26.75 8.26
CA ASN A 25 -13.05 -25.67 9.16
C ASN A 25 -14.20 -25.07 9.97
N ASP A 26 -15.41 -25.59 9.83
CA ASP A 26 -16.57 -25.00 10.51
C ASP A 26 -16.39 -24.95 12.03
N ALA A 27 -15.94 -26.04 12.65
CA ALA A 27 -15.77 -26.07 14.10
C ALA A 27 -14.71 -25.07 14.58
N ILE A 28 -13.54 -25.08 13.93
CA ILE A 28 -12.45 -24.21 14.37
C ILE A 28 -12.82 -22.74 14.19
N THR A 29 -13.53 -22.39 13.11
CA THR A 29 -13.90 -21.00 12.91
C THR A 29 -15.02 -20.59 13.86
N GLU A 30 -15.96 -21.50 14.16
CA GLU A 30 -16.94 -21.23 15.21
C GLU A 30 -16.28 -20.89 16.54
N SER A 31 -15.30 -21.70 16.95
CA SER A 31 -14.62 -21.42 18.21
C SER A 31 -13.82 -20.13 18.14
N LEU A 32 -13.15 -19.89 17.01
CA LEU A 32 -12.41 -18.64 16.87
C LEU A 32 -13.35 -17.44 16.94
N GLY A 33 -14.54 -17.58 16.36
CA GLY A 33 -15.54 -16.53 16.42
C GLY A 33 -15.95 -16.20 17.84
N SER A 34 -16.28 -17.24 18.62
CA SER A 34 -16.68 -17.01 20.00
C SER A 34 -15.53 -16.36 20.78
N VAL A 35 -14.31 -16.84 20.56
CA VAL A 35 -13.13 -16.28 21.23
C VAL A 35 -13.00 -14.80 20.91
N LEU A 36 -13.17 -14.44 19.63
CA LEU A 36 -13.02 -13.04 19.21
C LEU A 36 -14.16 -12.18 19.73
N ARG A 37 -15.38 -12.73 19.81
CA ARG A 37 -16.48 -11.95 20.36
C ARG A 37 -16.25 -11.70 21.84
N GLU A 38 -15.54 -12.61 22.50
CA GLU A 38 -15.18 -12.44 23.91
C GLU A 38 -14.05 -11.41 24.05
N PHE A 39 -13.06 -11.50 23.16
CA PHE A 39 -11.84 -10.69 23.21
C PHE A 39 -12.07 -9.23 22.83
N LYS A 40 -12.89 -8.96 21.83
CA LYS A 40 -13.24 -7.62 21.35
C LYS A 40 -11.98 -6.93 20.86
N PRO A 41 -11.42 -7.38 19.75
CA PRO A 41 -10.17 -6.79 19.22
C PRO A 41 -10.31 -5.31 18.89
N LYS A 42 -9.32 -4.52 19.30
CA LYS A 42 -9.33 -3.10 18.95
C LYS A 42 -8.91 -2.89 17.50
N PHE A 43 -8.10 -3.80 16.95
CA PHE A 43 -7.63 -3.69 15.58
C PHE A 43 -7.16 -5.06 15.11
N VAL A 44 -6.99 -5.19 13.80
CA VAL A 44 -6.49 -6.41 13.17
C VAL A 44 -5.24 -6.05 12.36
N MET A 45 -4.16 -6.80 12.58
CA MET A 45 -2.89 -6.60 11.89
C MET A 45 -2.56 -7.86 11.11
N ILE A 46 -2.31 -7.72 9.80
CA ILE A 46 -2.11 -8.84 8.91
C ILE A 46 -0.64 -8.92 8.53
N VAL A 47 0.00 -10.06 8.81
CA VAL A 47 1.41 -10.23 8.49
C VAL A 47 1.48 -11.16 7.28
N GLY A 48 2.02 -10.64 6.18
CA GLY A 48 2.18 -11.41 4.96
C GLY A 48 3.09 -10.70 4.00
N ARG A 49 3.29 -11.40 2.87
CA ARG A 49 4.17 -10.91 1.79
C ARG A 49 3.62 -11.57 0.53
N GLY A 50 3.69 -10.89 -0.61
CA GLY A 50 3.18 -11.45 -1.88
C GLY A 50 1.67 -11.55 -1.91
N SER A 51 1.13 -12.63 -2.45
CA SER A 51 -0.32 -12.76 -2.57
C SER A 51 -0.95 -12.82 -1.18
N SER A 52 -0.19 -13.15 -0.14
CA SER A 52 -0.74 -13.16 1.21
C SER A 52 -0.92 -11.75 1.74
N ASP A 53 -0.37 -10.75 1.05
CA ASP A 53 -0.48 -9.38 1.53
C ASP A 53 -1.71 -8.82 0.85
N HIS A 54 -1.89 -9.23 -0.40
CA HIS A 54 -3.02 -8.75 -1.18
C HIS A 54 -4.27 -9.30 -0.52
N ALA A 55 -4.15 -10.55 -0.04
CA ALA A 55 -5.20 -11.19 0.74
C ALA A 55 -5.43 -10.37 2.01
N GLY A 56 -4.33 -9.86 2.58
CA GLY A 56 -4.46 -8.99 3.75
C GLY A 56 -5.26 -7.74 3.44
N VAL A 57 -5.07 -7.16 2.26
CA VAL A 57 -5.83 -5.99 1.83
C VAL A 57 -7.31 -6.36 1.77
N PHE A 58 -7.61 -7.54 1.20
CA PHE A 58 -8.99 -8.00 1.16
C PHE A 58 -9.53 -8.11 2.58
N ALA A 59 -8.73 -8.66 3.48
CA ALA A 59 -9.14 -8.78 4.88
C ALA A 59 -9.43 -7.41 5.48
N LYS A 60 -8.65 -6.40 5.09
CA LYS A 60 -8.89 -5.04 5.57
C LYS A 60 -10.30 -4.59 5.21
N TYR A 61 -10.64 -4.68 3.92
CA TYR A 61 -11.98 -4.26 3.52
C TYR A 61 -13.05 -5.12 4.19
N LEU A 62 -12.84 -6.45 4.20
CA LEU A 62 -13.82 -7.37 4.78
C LEU A 62 -14.13 -7.03 6.23
N PHE A 63 -13.10 -6.93 7.07
CA PHE A 63 -13.33 -6.76 8.50
C PHE A 63 -13.72 -5.34 8.85
N GLU A 64 -13.19 -4.34 8.14
CA GLU A 64 -13.64 -2.97 8.39
C GLU A 64 -15.11 -2.80 8.04
N ILE A 65 -15.55 -3.30 6.89
CA ILE A 65 -16.92 -3.06 6.48
C ILE A 65 -17.90 -3.94 7.25
N GLU A 66 -17.59 -5.22 7.44
CA GLU A 66 -18.50 -6.12 8.13
C GLU A 66 -18.38 -6.11 9.65
N ALA A 67 -17.18 -5.88 10.19
CA ALA A 67 -16.98 -5.94 11.64
C ALA A 67 -16.73 -4.59 12.28
N SER A 68 -16.56 -3.52 11.50
CA SER A 68 -16.21 -2.20 12.02
C SER A 68 -14.93 -2.16 12.84
N ILE A 69 -13.99 -3.06 12.58
CA ILE A 69 -12.73 -3.10 13.32
C ILE A 69 -11.62 -2.66 12.39
N PRO A 70 -10.80 -1.69 12.77
CA PRO A 70 -9.70 -1.24 11.90
C PRO A 70 -8.74 -2.37 11.57
N THR A 71 -8.43 -2.53 10.28
CA THR A 71 -7.59 -3.62 9.81
C THR A 71 -6.49 -3.06 8.92
N PHE A 72 -5.26 -3.55 9.07
CA PHE A 72 -4.15 -3.01 8.29
C PHE A 72 -3.06 -4.05 8.11
N ALA A 73 -2.13 -3.77 7.20
CA ALA A 73 -0.99 -4.65 6.97
C ALA A 73 0.15 -4.19 7.88
N ALA A 74 0.83 -5.16 8.49
CA ALA A 74 2.04 -4.90 9.25
C ALA A 74 3.25 -4.61 8.38
N ALA A 75 4.21 -3.87 8.94
CA ALA A 75 5.47 -3.67 8.24
C ALA A 75 6.52 -4.60 8.85
N PRO A 76 6.90 -5.67 8.14
CA PRO A 76 7.86 -6.65 8.70
C PRO A 76 9.16 -6.06 9.21
N SER A 77 9.73 -5.12 8.43
CA SER A 77 11.01 -4.48 8.73
C SER A 77 11.10 -3.85 10.10
N VAL A 78 9.99 -3.32 10.65
CA VAL A 78 10.10 -2.72 11.99
C VAL A 78 10.66 -3.76 12.95
N ALA A 79 10.16 -4.98 12.87
CA ALA A 79 10.65 -6.09 13.70
C ALA A 79 11.95 -6.66 13.15
N SER A 80 11.98 -6.96 11.84
CA SER A 80 13.09 -7.72 11.26
C SER A 80 14.31 -6.85 11.00
N VAL A 81 14.16 -5.67 10.40
CA VAL A 81 15.35 -4.89 10.08
C VAL A 81 15.71 -3.92 11.20
N TYR A 82 14.75 -3.16 11.73
CA TYR A 82 15.03 -2.20 12.78
C TYR A 82 15.02 -2.79 14.18
N GLY A 83 14.54 -4.02 14.32
CA GLY A 83 14.55 -4.73 15.60
C GLY A 83 13.68 -4.07 16.65
N LYS A 84 12.64 -3.38 16.23
CA LYS A 84 11.73 -2.62 17.08
C LYS A 84 10.52 -3.47 17.43
N THR A 85 9.96 -3.28 18.62
CA THR A 85 8.69 -3.90 18.93
C THR A 85 7.57 -2.90 19.11
N LEU A 86 6.34 -3.41 19.04
CA LEU A 86 5.13 -2.59 19.13
C LEU A 86 4.29 -3.05 20.31
N LYS A 87 3.35 -2.19 20.71
CA LYS A 87 2.38 -2.48 21.76
C LYS A 87 1.12 -3.07 21.12
N LEU A 88 0.93 -4.38 21.21
CA LEU A 88 -0.19 -5.02 20.52
C LEU A 88 -1.14 -5.73 21.49
N ALA A 89 -1.07 -5.42 22.78
CA ALA A 89 -2.04 -5.90 23.76
C ALA A 89 -3.46 -5.60 23.29
N GLY A 90 -4.33 -6.61 23.34
CA GLY A 90 -5.72 -6.42 22.99
C GLY A 90 -6.01 -6.40 21.50
N GLY A 91 -5.00 -6.64 20.68
CA GLY A 91 -5.15 -6.68 19.25
C GLY A 91 -5.19 -8.10 18.70
N LEU A 92 -5.76 -8.24 17.51
CA LEU A 92 -5.76 -9.51 16.79
C LEU A 92 -4.70 -9.42 15.71
N VAL A 93 -3.79 -10.39 15.66
CA VAL A 93 -2.83 -10.51 14.58
C VAL A 93 -3.16 -11.76 13.78
N ILE A 94 -3.25 -11.60 12.47
CA ILE A 94 -3.45 -12.73 11.55
C ILE A 94 -2.24 -12.87 10.65
N VAL A 95 -1.48 -13.95 10.81
CA VAL A 95 -0.36 -14.20 9.92
C VAL A 95 -0.95 -15.00 8.75
N ILE A 96 -0.72 -14.52 7.53
CA ILE A 96 -1.15 -15.22 6.32
C ILE A 96 0.07 -15.62 5.51
N SER A 97 0.22 -16.92 5.26
CA SER A 97 1.36 -17.37 4.48
C SER A 97 1.13 -18.78 3.96
N GLN A 98 1.22 -18.93 2.64
CA GLN A 98 1.05 -20.26 2.03
C GLN A 98 2.11 -21.22 2.55
N SER A 99 3.37 -20.80 2.51
CA SER A 99 4.46 -21.66 2.95
C SER A 99 4.72 -21.57 4.45
N GLY A 100 4.48 -20.41 5.05
CA GLY A 100 4.72 -20.29 6.49
C GLY A 100 6.18 -20.33 6.89
N ARG A 101 7.11 -19.90 6.01
CA ARG A 101 8.52 -20.11 6.27
C ARG A 101 9.43 -18.88 6.16
N SER A 102 9.01 -17.80 5.49
CA SER A 102 9.84 -16.61 5.35
C SER A 102 10.29 -16.07 6.71
N PRO A 103 11.58 -15.74 6.91
CA PRO A 103 12.06 -15.28 8.21
C PRO A 103 11.47 -13.94 8.67
N ASP A 104 11.14 -13.05 7.74
CA ASP A 104 10.59 -11.71 8.04
C ASP A 104 9.22 -11.82 8.70
N ILE A 105 8.45 -12.82 8.31
CA ILE A 105 7.06 -13.00 8.82
C ILE A 105 7.15 -13.81 10.11
N LEU A 106 8.12 -14.72 10.19
CA LEU A 106 8.27 -15.40 11.47
C LEU A 106 8.75 -14.43 12.54
N ALA A 107 9.64 -13.50 12.17
CA ALA A 107 10.09 -12.48 13.12
C ALA A 107 8.94 -11.57 13.55
N GLN A 108 8.11 -11.13 12.59
CA GLN A 108 6.99 -10.26 12.94
C GLN A 108 5.98 -11.01 13.81
N ALA A 109 5.71 -12.27 13.46
CA ALA A 109 4.82 -13.12 14.25
C ALA A 109 5.33 -13.25 15.67
N ARG A 110 6.61 -13.55 15.82
CA ARG A 110 7.23 -13.66 17.14
C ARG A 110 7.04 -12.38 17.94
N MET A 111 7.42 -11.23 17.37
CA MET A 111 7.27 -9.96 18.07
C MET A 111 5.82 -9.70 18.46
N ALA A 112 4.88 -9.97 17.55
CA ALA A 112 3.46 -9.78 17.83
C ALA A 112 3.00 -10.65 18.99
N LYS A 113 3.42 -11.91 19.00
CA LYS A 113 3.06 -12.81 20.09
C LYS A 113 3.62 -12.33 21.42
N ASN A 114 4.90 -11.92 21.45
CA ASN A 114 5.50 -11.42 22.68
C ASN A 114 4.83 -10.13 23.17
N ALA A 115 4.23 -9.37 22.27
CA ALA A 115 3.56 -8.13 22.66
C ALA A 115 2.19 -8.37 23.27
N GLY A 116 1.78 -9.62 23.42
CA GLY A 116 0.47 -9.93 23.96
C GLY A 116 -0.66 -9.94 22.97
N ALA A 117 -0.37 -9.84 21.68
CA ALA A 117 -1.43 -9.88 20.68
C ALA A 117 -1.98 -11.31 20.59
N PHE A 118 -3.26 -11.42 20.22
CA PHE A 118 -3.80 -12.71 19.84
C PHE A 118 -3.41 -13.00 18.41
N CYS A 119 -2.79 -14.16 18.18
CA CYS A 119 -2.16 -14.47 16.91
C CYS A 119 -2.85 -15.65 16.25
N VAL A 120 -3.37 -15.43 15.05
CA VAL A 120 -4.05 -16.44 14.23
C VAL A 120 -3.20 -16.64 12.99
N ALA A 121 -3.02 -17.88 12.57
CA ALA A 121 -2.32 -18.15 11.31
C ALA A 121 -3.20 -18.86 10.31
N LEU A 122 -3.30 -18.28 9.12
CA LEU A 122 -3.89 -18.93 7.95
C LEU A 122 -2.73 -19.50 7.14
N VAL A 123 -2.48 -20.81 7.24
CA VAL A 123 -1.35 -21.40 6.57
C VAL A 123 -1.81 -22.61 5.76
N ASN A 124 -1.08 -22.90 4.68
CA ASN A 124 -1.30 -24.09 3.88
C ASN A 124 -0.39 -25.24 4.27
N ASP A 125 0.87 -24.96 4.62
CA ASP A 125 1.75 -26.03 5.16
C ASP A 125 1.49 -26.16 6.66
N GLU A 126 0.85 -27.26 7.08
CA GLU A 126 0.49 -27.45 8.51
C GLU A 126 1.71 -27.93 9.27
N THR A 127 2.81 -28.17 8.56
CA THR A 127 4.08 -28.61 9.19
C THR A 127 5.07 -27.47 9.15
N ALA A 128 4.60 -26.24 9.30
CA ALA A 128 5.49 -25.08 9.11
C ALA A 128 5.80 -24.39 10.42
N PRO A 129 6.93 -23.68 10.50
CA PRO A 129 7.32 -22.98 11.71
C PRO A 129 6.23 -22.09 12.31
N ILE A 130 5.43 -21.44 11.47
CA ILE A 130 4.41 -20.52 12.01
C ILE A 130 3.51 -21.16 13.05
N LYS A 131 3.24 -22.46 12.94
CA LYS A 131 2.37 -23.11 13.89
C LYS A 131 2.93 -23.07 15.31
N ASP A 132 4.23 -22.97 15.47
CA ASP A 132 4.83 -22.91 16.80
C ASP A 132 4.88 -21.52 17.42
N ILE A 133 4.43 -20.49 16.73
CA ILE A 133 4.42 -19.13 17.25
C ILE A 133 3.00 -18.67 17.59
N VAL A 134 2.06 -18.84 16.66
CA VAL A 134 0.71 -18.31 16.85
C VAL A 134 -0.11 -19.16 17.82
N ASP A 135 -1.18 -18.53 18.32
CA ASP A 135 -2.17 -19.11 19.23
C ASP A 135 -3.09 -20.09 18.49
N VAL A 136 -3.44 -19.82 17.23
CA VAL A 136 -4.29 -20.73 16.49
C VAL A 136 -3.89 -20.73 15.02
N VAL A 137 -3.91 -21.92 14.43
CA VAL A 137 -3.75 -22.15 13.00
C VAL A 137 -5.10 -22.43 12.35
N ILE A 138 -5.42 -21.68 11.29
CA ILE A 138 -6.57 -21.99 10.44
C ILE A 138 -6.01 -22.63 9.16
N PRO A 139 -6.14 -23.94 9.00
CA PRO A 139 -5.58 -24.59 7.80
C PRO A 139 -6.31 -24.19 6.53
N LEU A 140 -5.54 -23.84 5.50
CA LEU A 140 -6.15 -23.35 4.26
C LEU A 140 -6.71 -24.51 3.46
N ARG A 141 -6.13 -25.69 3.64
CA ARG A 141 -6.58 -26.94 3.03
C ARG A 141 -6.68 -26.87 1.50
N ALA A 142 -5.70 -26.22 0.87
CA ALA A 142 -5.73 -26.05 -0.57
C ALA A 142 -5.01 -27.18 -1.29
N GLY A 143 -4.27 -27.99 -0.54
CA GLY A 143 -3.46 -29.10 -0.99
C GLY A 143 -2.14 -28.56 -1.51
N GLU A 144 -1.32 -29.44 -2.07
CA GLU A 144 -0.01 -28.95 -2.51
C GLU A 144 -0.11 -28.04 -3.72
N GLU A 145 0.51 -26.89 -3.61
CA GLU A 145 0.52 -25.83 -4.62
C GLU A 145 1.91 -25.92 -5.28
N LYS A 146 2.00 -26.46 -6.48
CA LYS A 146 3.31 -26.70 -7.07
C LYS A 146 3.72 -25.57 -8.00
N ALA A 147 2.80 -24.87 -8.64
CA ALA A 147 3.23 -23.77 -9.49
C ALA A 147 3.73 -22.66 -8.57
N VAL A 148 4.55 -21.77 -9.13
CA VAL A 148 5.09 -20.64 -8.38
C VAL A 148 4.07 -19.53 -8.22
N ALA A 149 3.18 -19.34 -9.18
CA ALA A 149 2.16 -18.33 -9.02
C ALA A 149 0.97 -18.97 -8.33
N ALA A 150 0.63 -18.42 -7.16
CA ALA A 150 -0.42 -18.95 -6.32
C ALA A 150 -1.79 -18.68 -6.92
N THR A 151 -2.67 -19.66 -6.82
CA THR A 151 -4.03 -19.51 -7.33
C THR A 151 -4.99 -20.05 -6.29
N LYS A 152 -5.10 -21.37 -6.22
CA LYS A 152 -5.99 -22.01 -5.24
C LYS A 152 -5.66 -21.55 -3.82
N SER A 153 -4.38 -21.35 -3.49
CA SER A 153 -4.06 -20.97 -2.11
C SER A 153 -4.52 -19.55 -1.78
N TYR A 154 -4.58 -18.65 -2.77
CA TYR A 154 -5.13 -17.31 -2.53
C TYR A 154 -6.64 -17.34 -2.33
N LEU A 155 -7.35 -18.04 -3.22
CA LEU A 155 -8.79 -18.16 -3.05
C LEU A 155 -9.11 -18.88 -1.73
N ALA A 156 -8.34 -19.90 -1.37
CA ALA A 156 -8.53 -20.57 -0.09
C ALA A 156 -8.30 -19.62 1.07
N THR A 157 -7.34 -18.69 0.92
CA THR A 157 -7.13 -17.69 1.96
C THR A 157 -8.34 -16.77 2.09
N LEU A 158 -8.88 -16.32 0.96
CA LEU A 158 -10.05 -15.45 1.00
C LEU A 158 -11.28 -16.19 1.53
N SER A 159 -11.42 -17.47 1.19
CA SER A 159 -12.54 -18.24 1.70
C SER A 159 -12.44 -18.41 3.21
N ALA A 160 -11.24 -18.73 3.72
CA ALA A 160 -11.03 -18.82 5.15
C ALA A 160 -11.34 -17.49 5.84
N LEU A 161 -10.89 -16.37 5.25
CA LEU A 161 -11.19 -15.07 5.83
C LEU A 161 -12.69 -14.82 5.86
N LEU A 162 -13.38 -15.12 4.77
CA LEU A 162 -14.83 -14.92 4.71
C LEU A 162 -15.53 -15.78 5.77
N GLN A 163 -15.09 -17.03 5.95
CA GLN A 163 -15.73 -17.90 6.93
C GLN A 163 -15.49 -17.40 8.35
N VAL A 164 -14.25 -17.01 8.66
CA VAL A 164 -13.94 -16.41 9.96
C VAL A 164 -14.83 -15.19 10.22
N ALA A 165 -14.95 -14.31 9.22
CA ALA A 165 -15.81 -13.15 9.35
C ALA A 165 -17.28 -13.54 9.58
N ALA A 166 -17.77 -14.52 8.83
CA ALA A 166 -19.14 -15.01 9.03
C ALA A 166 -19.33 -15.52 10.45
N LYS A 167 -18.37 -16.28 10.97
CA LYS A 167 -18.55 -16.87 12.30
C LYS A 167 -18.46 -15.80 13.38
N TRP A 168 -17.52 -14.87 13.24
CA TRP A 168 -17.35 -13.80 14.21
C TRP A 168 -18.57 -12.87 14.23
N THR A 169 -18.89 -12.28 13.08
CA THR A 169 -19.97 -11.30 13.02
C THR A 169 -21.34 -11.96 13.15
N GLN A 170 -21.45 -13.21 12.69
CA GLN A 170 -22.70 -13.95 12.56
C GLN A 170 -23.72 -13.22 11.68
N ASN A 171 -23.22 -12.40 10.76
CA ASN A 171 -24.03 -11.72 9.75
C ASN A 171 -24.66 -12.71 8.78
N GLU A 172 -25.99 -12.76 8.72
CA GLU A 172 -26.67 -13.77 7.93
C GLU A 172 -26.26 -13.68 6.46
N SER A 173 -26.00 -12.46 5.98
CA SER A 173 -25.59 -12.25 4.59
C SER A 173 -24.25 -12.92 4.30
N LEU A 174 -23.29 -12.78 5.21
CA LEU A 174 -21.99 -13.44 5.02
C LEU A 174 -22.13 -14.95 5.07
N VAL A 175 -23.01 -15.46 5.94
CA VAL A 175 -23.26 -16.90 5.97
C VAL A 175 -23.80 -17.38 4.62
N GLU A 176 -24.75 -16.64 4.05
CA GLU A 176 -25.27 -17.00 2.73
C GLU A 176 -24.19 -16.92 1.67
N ALA A 177 -23.34 -15.90 1.75
CA ALA A 177 -22.24 -15.77 0.79
C ALA A 177 -21.30 -16.97 0.86
N VAL A 178 -20.88 -17.34 2.08
CA VAL A 178 -19.95 -18.45 2.25
C VAL A 178 -20.54 -19.77 1.76
N ASN A 179 -21.81 -20.03 2.09
CA ASN A 179 -22.45 -21.23 1.56
C ASN A 179 -22.55 -21.24 0.04
N SER A 180 -22.67 -20.07 -0.58
CA SER A 180 -22.80 -20.02 -2.04
C SER A 180 -21.45 -20.01 -2.75
N LEU A 181 -20.35 -19.83 -2.01
CA LEU A 181 -19.03 -19.62 -2.61
C LEU A 181 -18.64 -20.71 -3.60
N PRO A 182 -18.71 -22.02 -3.25
CA PRO A 182 -18.31 -23.05 -4.22
C PRO A 182 -19.08 -22.98 -5.52
N GLN A 183 -20.37 -22.69 -5.46
CA GLN A 183 -21.16 -22.65 -6.70
C GLN A 183 -20.74 -21.46 -7.56
N ALA A 184 -20.45 -20.34 -6.92
CA ALA A 184 -20.01 -19.16 -7.66
C ALA A 184 -18.63 -19.35 -8.28
N LEU A 185 -17.72 -20.03 -7.58
CA LEU A 185 -16.42 -20.32 -8.17
C LEU A 185 -16.54 -21.28 -9.35
N GLN A 186 -17.39 -22.32 -9.21
CA GLN A 186 -17.54 -23.26 -10.32
C GLN A 186 -18.16 -22.56 -11.52
N ALA A 187 -19.20 -21.74 -11.28
CA ALA A 187 -19.83 -20.95 -12.33
C ALA A 187 -18.80 -20.06 -13.03
N ALA A 188 -17.91 -19.43 -12.26
CA ALA A 188 -16.86 -18.62 -12.86
C ALA A 188 -15.95 -19.46 -13.74
N VAL A 189 -15.58 -20.66 -13.29
CA VAL A 189 -14.76 -21.54 -14.13
C VAL A 189 -15.49 -21.88 -15.42
N ASP A 190 -16.78 -22.18 -15.33
CA ASP A 190 -17.58 -22.56 -16.49
C ASP A 190 -17.94 -21.41 -17.43
N ALA A 191 -17.73 -20.15 -17.01
CA ALA A 191 -18.08 -19.00 -17.81
C ALA A 191 -17.11 -18.78 -18.97
N GLU A 192 -17.48 -17.85 -19.86
CA GLU A 192 -16.66 -17.54 -21.02
C GLU A 192 -15.41 -16.76 -20.60
N PRO A 193 -14.28 -17.00 -21.27
CA PRO A 193 -13.06 -16.26 -20.89
C PRO A 193 -13.30 -14.75 -21.01
N GLN A 194 -12.74 -13.99 -20.06
CA GLN A 194 -12.81 -12.53 -20.02
C GLN A 194 -11.56 -11.80 -20.49
N LEU A 195 -10.38 -12.39 -20.29
CA LEU A 195 -9.12 -11.78 -20.69
C LEU A 195 -8.57 -12.64 -21.81
N ARG A 196 -8.13 -11.97 -22.88
CA ARG A 196 -7.58 -12.65 -24.04
C ARG A 196 -6.22 -12.06 -24.35
N ALA A 197 -5.31 -12.91 -24.82
CA ALA A 197 -3.94 -12.49 -25.06
C ALA A 197 -3.86 -11.28 -26.00
N GLY A 198 -4.70 -11.26 -27.05
CA GLY A 198 -4.69 -10.15 -28.00
C GLY A 198 -4.74 -8.76 -27.39
N SER A 199 -5.47 -8.60 -26.28
CA SER A 199 -5.53 -7.31 -25.60
C SER A 199 -4.20 -6.87 -25.01
N LEU A 200 -3.33 -7.82 -24.67
CA LEU A 200 -2.06 -7.56 -24.02
C LEU A 200 -0.86 -7.51 -24.97
N THR A 201 -0.99 -8.07 -26.18
CA THR A 201 0.10 -8.02 -27.15
C THR A 201 0.71 -6.63 -27.31
N ASP A 202 2.03 -6.57 -27.09
CA ASP A 202 2.80 -5.34 -27.22
C ASP A 202 2.61 -4.41 -26.03
N VAL A 203 1.98 -4.88 -24.94
CA VAL A 203 1.80 -4.07 -23.75
C VAL A 203 2.80 -4.49 -22.68
N LYS A 204 3.62 -3.51 -22.27
CA LYS A 204 4.67 -3.73 -21.24
C LYS A 204 4.27 -3.14 -19.90
N ASN A 205 3.46 -2.09 -19.88
CA ASN A 205 3.03 -1.58 -18.56
C ASN A 205 1.53 -1.27 -18.59
N LEU A 206 0.82 -1.67 -17.54
CA LEU A 206 -0.63 -1.39 -17.43
C LEU A 206 -0.98 -1.15 -15.97
N VAL A 207 -2.12 -0.51 -15.73
CA VAL A 207 -2.61 -0.16 -14.36
C VAL A 207 -3.91 -0.91 -14.14
N VAL A 208 -4.10 -1.52 -12.98
CA VAL A 208 -5.38 -2.23 -12.72
C VAL A 208 -6.17 -1.32 -11.81
N LEU A 209 -7.38 -0.92 -12.21
CA LEU A 209 -8.13 0.02 -11.34
C LEU A 209 -9.29 -0.73 -10.71
N GLY A 210 -9.47 -0.56 -9.42
CA GLY A 210 -10.58 -1.16 -8.70
C GLY A 210 -10.92 -0.29 -7.51
N ARG A 211 -12.04 -0.62 -6.87
CA ARG A 211 -12.46 0.10 -5.67
C ARG A 211 -12.91 -0.93 -4.64
N GLY A 212 -12.57 -0.66 -3.39
CA GLY A 212 -12.99 -1.52 -2.28
C GLY A 212 -12.43 -2.92 -2.46
N PHE A 213 -13.32 -3.91 -2.36
CA PHE A 213 -12.93 -5.30 -2.59
C PHE A 213 -12.33 -5.49 -3.99
N GLY A 214 -12.85 -4.75 -4.98
CA GLY A 214 -12.30 -4.84 -6.32
C GLY A 214 -10.85 -4.41 -6.37
N TYR A 215 -10.48 -3.41 -5.56
CA TYR A 215 -9.08 -2.99 -5.42
C TYR A 215 -8.23 -4.07 -4.78
N ALA A 216 -8.72 -4.67 -3.68
CA ALA A 216 -8.00 -5.75 -3.05
C ALA A 216 -7.68 -6.86 -4.06
N VAL A 217 -8.64 -7.18 -4.93
CA VAL A 217 -8.37 -8.19 -5.95
C VAL A 217 -7.49 -7.62 -7.06
N SER A 218 -7.57 -6.31 -7.32
CA SER A 218 -6.73 -5.69 -8.33
C SER A 218 -5.25 -5.82 -7.99
N LYS A 219 -4.91 -5.77 -6.69
CA LYS A 219 -3.51 -5.93 -6.30
C LYS A 219 -3.01 -7.32 -6.67
N GLU A 220 -3.84 -8.34 -6.44
CA GLU A 220 -3.45 -9.73 -6.78
C GLU A 220 -3.32 -9.86 -8.29
N ILE A 221 -4.26 -9.26 -9.00
CA ILE A 221 -4.23 -9.35 -10.46
C ILE A 221 -2.94 -8.72 -10.98
N ALA A 222 -2.57 -7.54 -10.47
CA ALA A 222 -1.34 -6.89 -10.91
C ALA A 222 -0.13 -7.77 -10.61
N LEU A 223 -0.13 -8.42 -9.43
CA LEU A 223 0.99 -9.29 -9.07
C LEU A 223 1.09 -10.46 -10.03
N LYS A 224 -0.05 -11.10 -10.35
CA LYS A 224 -0.01 -12.22 -11.27
C LYS A 224 0.40 -11.78 -12.68
N LEU A 225 -0.02 -10.58 -13.09
CA LEU A 225 0.39 -10.12 -14.41
C LEU A 225 1.90 -9.92 -14.47
N LYS A 226 2.51 -9.40 -13.41
CA LYS A 226 3.97 -9.25 -13.44
C LYS A 226 4.68 -10.61 -13.36
N GLU A 227 4.29 -11.43 -12.39
CA GLU A 227 4.90 -12.74 -12.19
C GLU A 227 4.70 -13.71 -13.35
N VAL A 228 3.69 -13.50 -14.19
CA VAL A 228 3.27 -14.58 -15.10
C VAL A 228 3.23 -14.09 -16.54
N CYS A 229 3.02 -12.78 -16.74
CA CYS A 229 3.12 -12.20 -18.07
C CYS A 229 4.32 -11.30 -18.23
N ALA A 230 5.07 -11.05 -17.16
CA ALA A 230 6.22 -10.13 -17.18
C ALA A 230 5.79 -8.76 -17.68
N ILE A 231 4.59 -8.34 -17.27
CA ILE A 231 4.07 -7.03 -17.60
C ILE A 231 4.12 -6.17 -16.33
N HIS A 232 4.69 -4.98 -16.44
CA HIS A 232 4.73 -4.07 -15.30
C HIS A 232 3.33 -3.51 -15.05
N ALA A 233 2.56 -4.25 -14.28
CA ALA A 233 1.19 -3.90 -13.89
C ALA A 233 1.20 -3.31 -12.48
N GLU A 234 0.35 -2.31 -12.26
CA GLU A 234 0.23 -1.67 -10.96
C GLU A 234 -1.24 -1.42 -10.68
N ALA A 235 -1.64 -1.71 -9.45
CA ALA A 235 -3.03 -1.62 -9.01
C ALA A 235 -3.27 -0.30 -8.31
N PHE A 236 -4.36 0.36 -8.66
CA PHE A 236 -4.78 1.53 -7.92
C PHE A 236 -6.28 1.51 -7.60
N SER A 237 -6.62 2.26 -6.56
CA SER A 237 -7.99 2.63 -6.25
C SER A 237 -8.41 3.59 -7.36
N SER A 238 -9.63 3.45 -7.86
CA SER A 238 -10.06 4.43 -8.85
C SER A 238 -10.19 5.83 -8.26
N ALA A 239 -10.31 5.95 -6.92
CA ALA A 239 -10.32 7.27 -6.27
C ALA A 239 -8.93 7.87 -6.20
N GLU A 240 -7.90 7.05 -5.97
CA GLU A 240 -6.53 7.50 -5.72
C GLU A 240 -5.78 7.68 -7.01
N PHE A 241 -6.28 7.08 -8.10
CA PHE A 241 -5.62 7.23 -9.38
C PHE A 241 -5.71 8.67 -9.88
N LEU A 242 -6.80 9.36 -9.55
CA LEU A 242 -7.00 10.71 -10.08
C LEU A 242 -6.14 11.74 -9.34
N HIS A 243 -5.45 11.33 -8.28
CA HIS A 243 -4.60 12.21 -7.48
C HIS A 243 -3.14 12.12 -7.90
N GLY A 244 -2.86 12.13 -9.21
CA GLY A 244 -1.49 12.09 -9.67
C GLY A 244 -1.24 11.22 -10.88
N PRO A 245 -1.42 9.90 -10.73
CA PRO A 245 -1.03 8.97 -11.81
C PRO A 245 -1.83 9.13 -13.11
N VAL A 246 -2.96 9.83 -13.11
CA VAL A 246 -3.77 9.98 -14.33
C VAL A 246 -2.99 10.68 -15.44
N THR A 247 -1.90 11.38 -15.13
CA THR A 247 -1.08 11.93 -16.21
C THR A 247 -0.63 10.85 -17.18
N LEU A 248 -0.40 9.63 -16.67
CA LEU A 248 -0.01 8.52 -17.53
C LEU A 248 -1.05 8.21 -18.60
N VAL A 249 -2.28 8.69 -18.44
CA VAL A 249 -3.33 8.44 -19.42
C VAL A 249 -3.17 9.37 -20.62
N GLU A 250 -2.56 10.55 -20.44
CA GLU A 250 -2.30 11.40 -21.59
C GLU A 250 -1.28 10.79 -22.53
N LYS A 251 -0.50 9.83 -22.05
CA LYS A 251 0.18 8.88 -22.91
C LYS A 251 -0.71 7.64 -23.04
N LYS A 252 -0.61 6.98 -24.20
CA LYS A 252 -1.46 5.80 -24.44
C LYS A 252 -1.16 4.74 -23.40
N LEU A 253 -2.07 4.55 -22.44
CA LEU A 253 -1.87 3.63 -21.34
C LEU A 253 -3.04 2.67 -21.22
N SER A 254 -2.70 1.40 -21.04
CA SER A 254 -3.55 0.21 -20.95
C SER A 254 -4.03 -0.09 -19.53
N ILE A 255 -5.33 0.03 -19.29
CA ILE A 255 -5.92 -0.02 -17.96
C ILE A 255 -6.88 -1.21 -17.93
N LEU A 256 -6.77 -2.01 -16.86
CA LEU A 256 -7.63 -3.15 -16.61
C LEU A 256 -8.65 -2.79 -15.54
N ASP A 257 -9.92 -2.81 -15.92
CA ASP A 257 -11.04 -2.38 -15.06
C ASP A 257 -11.59 -3.59 -14.31
N VAL A 258 -11.38 -3.62 -12.99
CA VAL A 258 -12.00 -4.61 -12.10
C VAL A 258 -13.35 -4.06 -11.61
N CYS A 259 -14.44 -4.57 -12.20
CA CYS A 259 -15.81 -4.09 -11.99
C CYS A 259 -16.66 -4.98 -11.07
N ILE A 260 -16.61 -4.75 -9.76
CA ILE A 260 -17.44 -5.46 -8.79
C ILE A 260 -18.78 -4.75 -8.61
N ARG A 261 -19.88 -5.53 -8.64
CA ARG A 261 -21.24 -5.02 -8.44
C ARG A 261 -21.59 -5.06 -6.95
N ASP A 262 -20.99 -4.16 -6.21
CA ASP A 262 -21.31 -3.97 -4.79
C ASP A 262 -21.59 -2.50 -4.58
N GLU A 263 -21.47 -2.04 -3.31
CA GLU A 263 -21.75 -0.65 -3.00
C GLU A 263 -20.82 0.30 -3.75
N SER A 264 -19.67 -0.18 -4.20
CA SER A 264 -18.67 0.63 -4.89
C SER A 264 -18.96 0.81 -6.38
N TYR A 265 -19.94 0.08 -6.93
CA TYR A 265 -20.12 -0.02 -8.37
C TYR A 265 -20.29 1.35 -9.04
N GLY A 266 -21.12 2.21 -8.46
CA GLY A 266 -21.41 3.49 -9.09
C GLY A 266 -20.20 4.39 -9.21
N SER A 267 -19.49 4.58 -8.09
CA SER A 267 -18.31 5.43 -8.13
C SER A 267 -17.22 4.85 -9.02
N HIS A 268 -16.99 3.53 -8.95
CA HIS A 268 -15.93 2.96 -9.74
C HIS A 268 -16.20 3.13 -11.24
N VAL A 269 -17.37 2.66 -11.70
CA VAL A 269 -17.79 2.89 -13.08
C VAL A 269 -17.62 4.34 -13.52
N GLU A 270 -17.97 5.30 -12.64
CA GLU A 270 -17.82 6.69 -13.09
C GLU A 270 -16.34 7.02 -13.27
N GLN A 271 -15.49 6.51 -12.40
CA GLN A 271 -14.06 6.73 -12.57
C GLN A 271 -13.51 6.07 -13.84
N ILE A 272 -13.95 4.83 -14.12
CA ILE A 272 -13.53 4.14 -15.35
C ILE A 272 -13.97 4.92 -16.58
N ALA A 273 -15.17 5.49 -16.55
CA ALA A 273 -15.65 6.27 -17.69
C ALA A 273 -14.81 7.54 -17.86
N ASN A 274 -14.42 8.16 -16.75
CA ASN A 274 -13.53 9.32 -16.78
C ASN A 274 -12.19 8.99 -17.44
N VAL A 275 -11.53 7.91 -17.02
CA VAL A 275 -10.24 7.54 -17.63
C VAL A 275 -10.44 7.21 -19.10
N LYS A 276 -11.57 6.60 -19.45
CA LYS A 276 -11.84 6.28 -20.86
C LYS A 276 -11.92 7.57 -21.68
N GLN A 277 -12.61 8.58 -21.14
CA GLN A 277 -12.69 9.85 -21.85
C GLN A 277 -11.31 10.49 -21.98
N ARG A 278 -10.46 10.32 -20.98
CA ARG A 278 -9.09 10.83 -21.04
C ARG A 278 -8.18 9.97 -21.93
N GLY A 279 -8.76 9.07 -22.73
CA GLY A 279 -8.07 8.32 -23.76
C GLY A 279 -7.40 7.01 -23.40
N ALA A 280 -7.61 6.47 -22.20
CA ALA A 280 -6.95 5.21 -21.89
C ALA A 280 -7.49 4.08 -22.78
N ASN A 281 -6.72 3.00 -22.84
CA ASN A 281 -7.10 1.79 -23.55
C ASN A 281 -7.52 0.79 -22.49
N LEU A 282 -8.78 0.41 -22.50
CA LEU A 282 -9.36 -0.35 -21.40
C LEU A 282 -9.71 -1.77 -21.78
N ILE A 283 -9.41 -2.67 -20.85
CA ILE A 283 -9.77 -4.07 -20.94
C ILE A 283 -10.65 -4.25 -19.71
N HIS A 284 -11.87 -4.75 -19.91
CA HIS A 284 -12.81 -4.79 -18.80
C HIS A 284 -12.89 -6.21 -18.23
N LEU A 285 -12.62 -6.34 -16.92
CA LEU A 285 -12.88 -7.55 -16.15
C LEU A 285 -14.08 -7.45 -15.22
N HIS A 286 -15.21 -8.01 -15.63
CA HIS A 286 -16.49 -8.08 -14.92
C HIS A 286 -16.64 -9.39 -14.16
N GLN A 287 -17.59 -9.38 -13.23
CA GLN A 287 -17.97 -10.60 -12.52
C GLN A 287 -18.51 -11.58 -13.56
N THR A 288 -18.35 -12.88 -13.33
CA THR A 288 -18.87 -13.77 -14.37
C THR A 288 -20.39 -13.97 -14.34
N SER A 289 -21.05 -13.74 -13.21
CA SER A 289 -22.50 -13.81 -13.07
C SER A 289 -22.99 -12.68 -12.18
N ALA A 290 -24.10 -12.08 -12.58
CA ALA A 290 -24.71 -10.93 -11.92
C ALA A 290 -25.64 -11.32 -10.78
N ASP A 291 -25.67 -12.60 -10.41
CA ASP A 291 -26.51 -13.06 -9.31
C ASP A 291 -25.68 -13.72 -8.22
N ILE A 292 -24.36 -13.56 -8.31
CA ILE A 292 -23.41 -14.00 -7.30
C ILE A 292 -23.53 -13.03 -6.14
N HIS A 293 -23.21 -13.46 -4.93
CA HIS A 293 -23.25 -12.53 -3.79
C HIS A 293 -22.18 -11.46 -3.95
N PRO A 294 -22.49 -10.18 -3.67
CA PRO A 294 -21.50 -9.11 -3.93
C PRO A 294 -20.19 -9.30 -3.18
N ARG A 295 -20.21 -9.91 -1.99
CA ARG A 295 -18.99 -10.12 -1.20
C ARG A 295 -18.13 -11.26 -1.70
N ILE A 296 -18.65 -12.09 -2.60
CA ILE A 296 -17.86 -13.16 -3.22
C ILE A 296 -17.73 -13.00 -4.72
N ALA A 297 -18.35 -11.96 -5.29
CA ALA A 297 -18.07 -11.54 -6.66
C ALA A 297 -16.59 -11.38 -6.98
N PRO A 298 -15.76 -10.76 -6.13
CA PRO A 298 -14.34 -10.61 -6.48
C PRO A 298 -13.63 -11.94 -6.61
N LEU A 299 -14.02 -12.93 -5.81
CA LEU A 299 -13.42 -14.25 -5.95
C LEU A 299 -13.81 -14.88 -7.28
N ALA A 300 -15.06 -14.73 -7.71
CA ALA A 300 -15.46 -15.25 -9.02
C ALA A 300 -14.68 -14.60 -10.15
N LEU A 301 -14.50 -13.26 -10.08
CA LEU A 301 -13.74 -12.56 -11.11
C LEU A 301 -12.29 -13.02 -11.15
N LEU A 302 -11.67 -13.18 -9.98
CA LEU A 302 -10.31 -13.70 -9.90
C LEU A 302 -10.22 -15.14 -10.40
N GLN A 303 -11.20 -15.98 -10.05
CA GLN A 303 -11.23 -17.36 -10.51
C GLN A 303 -11.16 -17.41 -12.04
N ARG A 304 -11.99 -16.59 -12.70
CA ARG A 304 -11.98 -16.51 -14.14
C ARG A 304 -10.63 -16.01 -14.66
N PHE A 305 -10.12 -14.94 -14.03
CA PHE A 305 -8.83 -14.36 -14.38
C PHE A 305 -7.68 -15.35 -14.32
N TYR A 306 -7.62 -16.22 -13.30
CA TYR A 306 -6.50 -17.16 -13.23
C TYR A 306 -6.44 -18.09 -14.43
N ILE A 307 -7.60 -18.60 -14.86
CA ILE A 307 -7.62 -19.48 -16.01
C ILE A 307 -7.26 -18.70 -17.27
N ASP A 308 -7.87 -17.52 -17.45
CA ASP A 308 -7.56 -16.74 -18.62
C ASP A 308 -6.07 -16.37 -18.70
N VAL A 309 -5.48 -16.03 -17.55
CA VAL A 309 -4.12 -15.49 -17.53
C VAL A 309 -3.08 -16.59 -17.71
N ALA A 310 -3.40 -17.84 -17.37
CA ALA A 310 -2.46 -18.91 -17.68
C ALA A 310 -2.29 -19.03 -19.20
N ALA A 311 -3.40 -18.94 -19.93
CA ALA A 311 -3.36 -19.00 -21.38
C ALA A 311 -2.70 -17.75 -21.95
N VAL A 312 -2.95 -16.59 -21.35
CA VAL A 312 -2.26 -15.38 -21.79
C VAL A 312 -0.75 -15.56 -21.64
N ALA A 313 -0.31 -16.12 -20.50
CA ALA A 313 1.10 -16.38 -20.26
C ALA A 313 1.67 -17.24 -21.37
N ILE A 314 1.10 -18.44 -21.56
CA ILE A 314 1.59 -19.35 -22.60
C ILE A 314 1.61 -18.66 -23.95
N ALA A 315 0.58 -17.84 -24.22
CA ALA A 315 0.53 -17.10 -25.48
C ALA A 315 1.64 -16.06 -25.54
N LEU A 316 2.01 -15.49 -24.39
CA LEU A 316 3.10 -14.53 -24.32
C LEU A 316 4.48 -15.19 -24.23
N GLY A 317 4.57 -16.50 -24.37
CA GLY A 317 5.84 -17.21 -24.30
C GLY A 317 6.46 -17.38 -22.92
N ILE A 318 5.68 -17.19 -21.86
CA ILE A 318 6.15 -17.32 -20.49
C ILE A 318 5.62 -18.62 -19.89
N ASN A 319 6.47 -19.33 -19.12
CA ASN A 319 5.98 -20.52 -18.43
C ASN A 319 5.46 -20.16 -17.05
N PRO A 320 4.13 -20.10 -16.89
CA PRO A 320 3.58 -19.64 -15.61
C PRO A 320 3.85 -20.54 -14.40
N ASP A 321 4.34 -21.73 -14.65
CA ASP A 321 4.54 -22.69 -13.54
C ASP A 321 5.92 -22.43 -12.94
N LYS A 322 6.84 -21.97 -13.77
CA LYS A 322 8.22 -21.67 -13.30
C LYS A 322 8.67 -20.35 -13.91
N PRO A 323 8.22 -19.18 -13.38
CA PRO A 323 8.61 -17.89 -13.96
C PRO A 323 10.10 -17.64 -13.82
N ALA A 324 10.61 -16.79 -14.72
CA ALA A 324 12.03 -16.49 -14.78
C ALA A 324 12.55 -16.00 -13.44
N GLY A 325 13.36 -16.83 -12.78
CA GLY A 325 13.99 -16.46 -11.52
C GLY A 325 13.02 -16.30 -10.37
N LEU A 326 12.30 -17.35 -10.03
CA LEU A 326 11.31 -17.31 -8.96
C LEU A 326 11.09 -18.69 -8.40
N LYS A 327 11.06 -18.80 -7.08
CA LYS A 327 10.77 -20.03 -6.38
C LYS A 327 9.43 -19.95 -5.67
N LYS A 328 8.88 -21.11 -5.31
CA LYS A 328 7.59 -21.15 -4.63
C LYS A 328 7.69 -20.60 -3.22
N VAL A 329 8.77 -20.92 -2.52
CA VAL A 329 9.01 -20.40 -1.17
C VAL A 329 10.15 -19.40 -1.29
N THR A 330 9.84 -18.13 -1.03
CA THR A 330 10.83 -17.06 -1.07
C THR A 330 11.04 -16.53 0.35
N GLN A 331 12.30 -16.32 0.71
CA GLN A 331 12.69 -15.89 2.03
C GLN A 331 13.59 -14.66 1.90
N THR A 332 13.22 -13.58 2.57
CA THR A 332 13.92 -12.31 2.38
C THR A 332 14.37 -11.67 3.70
N LEU A 333 13.68 -11.97 4.79
CA LEU A 333 13.97 -11.35 6.09
C LEU A 333 13.77 -9.83 6.03
N MET B 1 20.87 27.34 -10.29
CA MET B 1 19.47 27.17 -10.67
C MET B 1 19.34 26.95 -12.18
N THR B 2 18.54 25.97 -12.59
CA THR B 2 18.35 25.66 -14.00
C THR B 2 16.96 26.02 -14.48
N THR B 3 15.93 25.24 -14.13
CA THR B 3 14.64 25.55 -14.72
C THR B 3 14.02 26.79 -14.09
N ASN B 4 13.10 27.39 -14.83
CA ASN B 4 12.35 28.54 -14.35
C ASN B 4 10.99 28.12 -13.83
N THR B 5 10.85 26.85 -13.43
CA THR B 5 9.59 26.32 -12.95
C THR B 5 9.23 26.82 -11.55
N ILE B 6 7.93 26.87 -11.29
CA ILE B 6 7.45 27.22 -9.96
C ILE B 6 7.86 26.11 -8.99
N MET B 7 7.92 24.87 -9.49
CA MET B 7 8.22 23.71 -8.65
C MET B 7 9.62 23.81 -8.04
N GLU B 8 10.62 24.12 -8.86
CA GLU B 8 11.98 24.23 -8.33
C GLU B 8 12.08 25.35 -7.32
N GLN B 9 11.45 26.49 -7.62
CA GLN B 9 11.49 27.62 -6.70
C GLN B 9 10.89 27.25 -5.36
N GLU B 10 9.72 26.61 -5.38
CA GLU B 10 9.07 26.19 -4.14
C GLU B 10 9.91 25.18 -3.38
N ALA B 11 10.49 24.21 -4.10
CA ALA B 11 11.35 23.20 -3.47
C ALA B 11 12.51 23.86 -2.74
N ARG B 12 13.12 24.87 -3.37
CA ARG B 12 14.29 25.54 -2.79
C ARG B 12 13.93 26.39 -1.58
N THR B 13 12.67 26.79 -1.43
CA THR B 13 12.22 27.50 -0.23
C THR B 13 11.89 26.57 0.93
N ALA B 14 11.81 25.27 0.69
CA ALA B 14 11.43 24.32 1.75
C ALA B 14 12.29 24.43 3.01
N PRO B 15 13.62 24.52 2.95
CA PRO B 15 14.39 24.55 4.22
C PRO B 15 14.00 25.71 5.14
N GLN B 16 13.85 26.92 4.60
CA GLN B 16 13.47 28.06 5.43
C GLN B 16 12.05 27.93 5.92
N LYS B 17 11.17 27.44 5.04
CA LYS B 17 9.77 27.27 5.41
C LYS B 17 9.65 26.24 6.54
N ILE B 18 10.49 25.20 6.52
CA ILE B 18 10.45 24.18 7.56
C ILE B 18 11.01 24.73 8.86
N ALA B 19 12.06 25.56 8.78
CA ALA B 19 12.57 26.22 9.97
C ALA B 19 11.51 27.07 10.63
N GLU B 20 10.80 27.88 9.82
CA GLU B 20 9.71 28.70 10.33
C GLU B 20 8.60 27.86 10.93
N GLN B 21 8.30 26.70 10.34
CA GLN B 21 7.21 25.84 10.86
C GLN B 21 7.60 25.32 12.23
N LEU B 22 8.84 24.89 12.39
CA LEU B 22 9.26 24.28 13.66
C LEU B 22 9.23 25.37 14.73
N LEU B 23 9.65 26.58 14.38
CA LEU B 23 9.57 27.66 15.36
C LEU B 23 8.12 27.96 15.75
N ALA B 24 7.26 28.17 14.76
CA ALA B 24 5.85 28.51 15.01
C ALA B 24 5.08 27.39 15.69
N ASN B 25 5.43 26.13 15.44
CA ASN B 25 4.71 24.98 15.95
C ASN B 25 5.29 24.36 17.20
N ASP B 26 6.39 24.90 17.73
CA ASP B 26 7.00 24.29 18.92
C ASP B 26 6.00 24.21 20.06
N ALA B 27 5.27 25.30 20.32
CA ALA B 27 4.28 25.32 21.40
C ALA B 27 3.13 24.33 21.17
N ILE B 28 2.54 24.36 19.97
CA ILE B 28 1.39 23.50 19.70
C ILE B 28 1.78 22.03 19.75
N THR B 29 2.98 21.70 19.26
CA THR B 29 3.41 20.31 19.29
C THR B 29 3.79 19.87 20.70
N GLU B 30 4.39 20.77 21.49
CA GLU B 30 4.61 20.47 22.91
C GLU B 30 3.29 20.10 23.58
N SER B 31 2.25 20.90 23.36
CA SER B 31 0.96 20.60 23.98
C SER B 31 0.36 19.31 23.42
N LEU B 32 0.47 19.06 22.11
CA LEU B 32 -0.05 17.81 21.58
C LEU B 32 0.69 16.62 22.20
N GLY B 33 2.00 16.76 22.41
CA GLY B 33 2.77 15.71 23.04
C GLY B 33 2.28 15.43 24.44
N SER B 34 2.00 16.50 25.20
CA SER B 34 1.50 16.32 26.55
C SER B 34 0.12 15.69 26.57
N VAL B 35 -0.71 15.97 25.56
CA VAL B 35 -2.02 15.34 25.45
C VAL B 35 -1.87 13.85 25.15
N LEU B 36 -0.99 13.53 24.20
CA LEU B 36 -0.78 12.15 23.75
C LEU B 36 -0.11 11.29 24.81
N ARG B 37 0.78 11.86 25.63
CA ARG B 37 1.39 11.04 26.66
C ARG B 37 0.38 10.60 27.71
N GLU B 38 -0.65 11.42 27.98
CA GLU B 38 -1.73 11.06 28.89
C GLU B 38 -2.75 10.11 28.24
N PHE B 39 -3.08 10.38 26.98
CA PHE B 39 -4.13 9.67 26.27
C PHE B 39 -3.73 8.23 25.95
N LYS B 40 -2.50 8.01 25.55
CA LYS B 40 -1.97 6.67 25.26
C LYS B 40 -2.76 6.02 24.14
N PRO B 41 -2.60 6.51 22.91
CA PRO B 41 -3.34 5.96 21.76
C PRO B 41 -3.08 4.48 21.57
N LYS B 42 -4.16 3.74 21.30
CA LYS B 42 -4.02 2.31 21.05
C LYS B 42 -3.47 2.06 19.66
N PHE B 43 -3.72 2.98 18.72
CA PHE B 43 -3.24 2.87 17.36
C PHE B 43 -3.31 4.27 16.75
N VAL B 44 -2.62 4.47 15.63
CA VAL B 44 -2.67 5.73 14.89
C VAL B 44 -3.13 5.45 13.48
N MET B 45 -4.24 6.08 13.08
CA MET B 45 -4.77 5.98 11.72
C MET B 45 -4.46 7.27 10.97
N ILE B 46 -4.04 7.14 9.71
CA ILE B 46 -3.65 8.28 8.89
C ILE B 46 -4.60 8.39 7.71
N VAL B 47 -5.26 9.54 7.57
CA VAL B 47 -6.20 9.77 6.48
C VAL B 47 -5.53 10.71 5.49
N GLY B 48 -5.34 10.24 4.25
CA GLY B 48 -4.72 11.05 3.22
C GLY B 48 -4.96 10.48 1.84
N ARG B 49 -4.34 11.12 0.86
CA ARG B 49 -4.46 10.79 -0.56
C ARG B 49 -3.29 11.46 -1.26
N GLY B 50 -2.77 10.84 -2.33
CA GLY B 50 -1.70 11.59 -2.93
C GLY B 50 -0.44 11.48 -2.09
N SER B 51 0.35 12.55 -2.16
CA SER B 51 1.58 12.63 -1.39
C SER B 51 1.25 12.62 0.11
N SER B 52 0.00 12.93 0.49
CA SER B 52 -0.36 12.85 1.90
C SER B 52 -0.54 11.42 2.38
N ASP B 53 -0.51 10.45 1.46
CA ASP B 53 -0.71 9.07 1.84
C ASP B 53 0.70 8.55 2.06
N HIS B 54 1.60 9.03 1.21
CA HIS B 54 2.99 8.63 1.27
C HIS B 54 3.57 9.18 2.56
N ALA B 55 3.13 10.40 2.91
CA ALA B 55 3.49 11.01 4.19
C ALA B 55 2.96 10.14 5.31
N GLY B 56 1.75 9.59 5.12
CA GLY B 56 1.19 8.69 6.11
C GLY B 56 2.06 7.45 6.29
N VAL B 57 2.59 6.92 5.19
CA VAL B 57 3.49 5.77 5.24
C VAL B 57 4.73 6.11 6.05
N PHE B 58 5.29 7.30 5.79
CA PHE B 58 6.44 7.74 6.57
C PHE B 58 6.09 7.79 8.05
N ALA B 59 4.91 8.34 8.35
CA ALA B 59 4.44 8.42 9.73
C ALA B 59 4.30 7.03 10.34
N LYS B 60 3.88 6.05 9.53
CA LYS B 60 3.78 4.67 10.02
C LYS B 60 5.12 4.18 10.51
N TYR B 61 6.15 4.31 9.66
CA TYR B 61 7.48 3.86 10.08
C TYR B 61 7.95 4.66 11.28
N LEU B 62 7.76 5.98 11.26
CA LEU B 62 8.19 6.85 12.34
C LEU B 62 7.62 6.41 13.67
N PHE B 63 6.29 6.27 13.74
CA PHE B 63 5.64 5.98 15.01
C PHE B 63 5.80 4.54 15.45
N GLU B 64 5.85 3.59 14.52
CA GLU B 64 6.12 2.21 14.92
C GLU B 64 7.51 2.08 15.51
N ILE B 65 8.53 2.66 14.86
CA ILE B 65 9.89 2.46 15.36
C ILE B 65 10.18 3.32 16.59
N GLU B 66 9.74 4.60 16.58
CA GLU B 66 10.01 5.53 17.67
C GLU B 66 9.02 5.46 18.82
N ALA B 67 7.74 5.19 18.56
CA ALA B 67 6.73 5.21 19.60
C ALA B 67 6.20 3.82 19.94
N SER B 68 6.57 2.80 19.17
CA SER B 68 6.07 1.42 19.32
C SER B 68 4.57 1.31 19.20
N ILE B 69 3.90 2.21 18.49
CA ILE B 69 2.44 2.18 18.34
C ILE B 69 2.09 1.85 16.90
N PRO B 70 1.23 0.86 16.66
CA PRO B 70 0.84 0.50 15.28
C PRO B 70 0.20 1.68 14.56
N THR B 71 0.67 1.94 13.35
CA THR B 71 0.23 3.06 12.53
C THR B 71 -0.13 2.57 11.13
N PHE B 72 -1.22 3.08 10.56
CA PHE B 72 -1.63 2.59 9.25
C PHE B 72 -2.42 3.67 8.53
N ALA B 73 -2.61 3.47 7.22
CA ALA B 73 -3.39 4.41 6.43
C ALA B 73 -4.84 3.91 6.43
N ALA B 74 -5.77 4.83 6.59
CA ALA B 74 -7.18 4.52 6.44
C ALA B 74 -7.58 4.34 4.98
N ALA B 75 -8.64 3.53 4.77
CA ALA B 75 -9.20 3.42 3.43
C ALA B 75 -10.47 4.25 3.38
N PRO B 76 -10.46 5.39 2.69
CA PRO B 76 -11.62 6.30 2.67
C PRO B 76 -12.95 5.65 2.30
N SER B 77 -12.92 4.77 1.30
CA SER B 77 -14.13 4.11 0.80
C SER B 77 -14.97 3.44 1.88
N VAL B 78 -14.36 2.92 2.95
CA VAL B 78 -15.19 2.29 3.97
C VAL B 78 -16.24 3.29 4.47
N ALA B 79 -15.80 4.53 4.74
CA ALA B 79 -16.73 5.57 5.18
C ALA B 79 -17.49 6.21 4.02
N SER B 80 -16.76 6.65 2.99
CA SER B 80 -17.31 7.47 1.91
C SER B 80 -18.09 6.70 0.85
N VAL B 81 -18.00 5.37 0.82
CA VAL B 81 -18.67 4.64 -0.24
C VAL B 81 -19.61 3.63 0.39
N TYR B 82 -19.11 2.88 1.36
CA TYR B 82 -19.87 1.85 2.05
C TYR B 82 -20.67 2.39 3.23
N GLY B 83 -20.43 3.63 3.63
CA GLY B 83 -21.20 4.27 4.70
C GLY B 83 -21.00 3.62 6.04
N LYS B 84 -19.81 3.05 6.28
CA LYS B 84 -19.52 2.29 7.49
C LYS B 84 -18.85 3.19 8.52
N THR B 85 -19.12 2.94 9.80
CA THR B 85 -18.40 3.58 10.91
C THR B 85 -17.58 2.60 11.73
N LEU B 86 -16.26 2.79 11.74
CA LEU B 86 -15.37 1.88 12.45
C LEU B 86 -15.37 2.19 13.94
N LYS B 87 -14.83 1.25 14.72
CA LYS B 87 -14.68 1.40 16.16
C LYS B 87 -13.32 2.05 16.38
N LEU B 88 -13.30 3.35 16.64
CA LEU B 88 -12.04 4.06 16.76
C LEU B 88 -11.85 4.70 18.12
N ALA B 89 -12.65 4.30 19.11
CA ALA B 89 -12.44 4.72 20.49
C ALA B 89 -11.01 4.42 20.93
N GLY B 90 -10.35 5.40 21.53
CA GLY B 90 -9.00 5.22 22.05
C GLY B 90 -7.91 5.25 21.02
N GLY B 91 -8.23 5.53 19.77
CA GLY B 91 -7.25 5.63 18.71
C GLY B 91 -6.97 7.08 18.37
N LEU B 92 -5.81 7.31 17.78
CA LEU B 92 -5.46 8.63 17.30
C LEU B 92 -5.64 8.60 15.78
N VAL B 93 -6.39 9.57 15.26
CA VAL B 93 -6.53 9.78 13.82
C VAL B 93 -5.83 11.07 13.44
N ILE B 94 -4.96 10.98 12.43
CA ILE B 94 -4.28 12.14 11.88
C ILE B 94 -4.74 12.35 10.43
N VAL B 95 -5.46 13.44 10.17
CA VAL B 95 -5.88 13.77 8.81
C VAL B 95 -4.74 14.61 8.22
N ILE B 96 -4.26 14.21 7.04
CA ILE B 96 -3.22 14.93 6.31
C ILE B 96 -3.71 15.45 4.96
N SER B 97 -3.66 16.76 4.76
CA SER B 97 -4.08 17.34 3.48
C SER B 97 -3.56 18.75 3.32
N GLN B 98 -2.80 19.01 2.24
CA GLN B 98 -2.32 20.36 2.00
C GLN B 98 -3.51 21.30 1.82
N SER B 99 -4.46 20.89 0.98
CA SER B 99 -5.64 21.68 0.66
C SER B 99 -6.79 21.49 1.64
N GLY B 100 -6.98 20.29 2.17
CA GLY B 100 -8.08 19.99 3.12
C GLY B 100 -9.47 20.24 2.54
N ARG B 101 -9.73 19.74 1.32
CA ARG B 101 -11.03 20.04 0.67
C ARG B 101 -11.65 18.76 0.08
N SER B 102 -10.87 17.69 -0.09
CA SER B 102 -11.40 16.47 -0.77
C SER B 102 -12.55 15.89 0.04
N PRO B 103 -13.67 15.52 -0.61
CA PRO B 103 -14.82 15.03 0.11
C PRO B 103 -14.51 13.71 0.84
N ASP B 104 -13.82 12.77 0.19
CA ASP B 104 -13.60 11.48 0.86
C ASP B 104 -12.73 11.62 2.11
N ILE B 105 -11.82 12.59 2.11
CA ILE B 105 -10.99 12.83 3.27
C ILE B 105 -11.83 13.45 4.38
N LEU B 106 -12.66 14.43 4.02
CA LEU B 106 -13.52 15.08 5.00
C LEU B 106 -14.54 14.10 5.56
N ALA B 107 -15.04 13.19 4.71
CA ALA B 107 -15.96 12.16 5.16
C ALA B 107 -15.29 11.22 6.16
N GLN B 108 -14.05 10.81 5.88
CA GLN B 108 -13.36 9.93 6.82
C GLN B 108 -13.09 10.64 8.13
N ALA B 109 -12.65 11.90 8.07
CA ALA B 109 -12.42 12.68 9.27
C ALA B 109 -13.70 12.79 10.11
N ARG B 110 -14.80 13.17 9.47
CA ARG B 110 -16.08 13.27 10.19
C ARG B 110 -16.47 11.95 10.83
N MET B 111 -16.34 10.84 10.10
CA MET B 111 -16.72 9.54 10.65
C MET B 111 -15.84 9.19 11.85
N ALA B 112 -14.53 9.41 11.72
CA ALA B 112 -13.59 9.18 12.82
C ALA B 112 -13.97 10.01 14.05
N LYS B 113 -14.33 11.28 13.84
CA LYS B 113 -14.75 12.14 14.93
C LYS B 113 -16.01 11.58 15.59
N ASN B 114 -16.98 11.17 14.79
CA ASN B 114 -18.20 10.57 15.32
C ASN B 114 -17.91 9.28 16.08
N ALA B 115 -16.84 8.57 15.72
CA ALA B 115 -16.49 7.32 16.38
C ALA B 115 -15.78 7.50 17.72
N GLY B 116 -15.57 8.74 18.17
CA GLY B 116 -14.88 8.99 19.42
C GLY B 116 -13.38 9.03 19.37
N ALA B 117 -12.77 8.98 18.19
CA ALA B 117 -11.33 9.05 18.08
C ALA B 117 -10.81 10.46 18.37
N PHE B 118 -9.57 10.53 18.86
CA PHE B 118 -8.89 11.82 18.90
C PHE B 118 -8.34 12.12 17.52
N CYS B 119 -8.70 13.29 17.01
CA CYS B 119 -8.44 13.66 15.63
C CYS B 119 -7.49 14.85 15.57
N VAL B 120 -6.36 14.68 14.88
CA VAL B 120 -5.35 15.71 14.68
C VAL B 120 -5.31 15.98 13.18
N ALA B 121 -5.22 17.25 12.78
CA ALA B 121 -5.09 17.57 11.37
C ALA B 121 -3.79 18.30 11.08
N LEU B 122 -3.04 17.77 10.12
CA LEU B 122 -1.89 18.45 9.53
C LEU B 122 -2.36 19.10 8.23
N VAL B 123 -2.58 20.41 8.25
CA VAL B 123 -3.13 21.10 7.09
C VAL B 123 -2.21 22.25 6.71
N ASN B 124 -2.16 22.54 5.41
CA ASN B 124 -1.48 23.74 4.91
C ASN B 124 -2.44 24.91 4.72
N ASP B 125 -3.63 24.66 4.18
CA ASP B 125 -4.62 25.76 4.05
C ASP B 125 -5.40 25.88 5.36
N GLU B 126 -5.13 26.93 6.11
CA GLU B 126 -5.80 27.16 7.38
C GLU B 126 -7.28 27.46 7.18
N THR B 127 -7.69 27.83 5.97
CA THR B 127 -9.08 28.12 5.69
C THR B 127 -9.86 26.88 5.24
N ALA B 128 -9.22 25.73 5.16
CA ALA B 128 -9.90 24.56 4.65
C ALA B 128 -10.97 24.10 5.63
N PRO B 129 -12.03 23.46 5.13
CA PRO B 129 -13.13 23.08 6.03
C PRO B 129 -12.77 21.99 7.03
N ILE B 130 -11.69 21.24 6.80
CA ILE B 130 -11.19 20.22 7.72
C ILE B 130 -10.98 20.78 9.12
N LYS B 131 -10.64 22.06 9.24
CA LYS B 131 -10.40 22.68 10.54
C LYS B 131 -11.64 22.65 11.44
N ASP B 132 -12.82 22.61 10.84
CA ASP B 132 -14.08 22.54 11.58
C ASP B 132 -14.51 21.13 11.97
N ILE B 133 -13.74 20.11 11.59
CA ILE B 133 -14.03 18.72 11.91
C ILE B 133 -13.09 18.19 12.98
N VAL B 134 -11.79 18.41 12.81
CA VAL B 134 -10.76 17.86 13.68
C VAL B 134 -10.70 18.60 15.02
N ASP B 135 -10.06 17.93 16.00
CA ASP B 135 -9.87 18.47 17.33
C ASP B 135 -8.80 19.56 17.34
N VAL B 136 -7.53 19.21 17.15
CA VAL B 136 -6.46 20.19 17.08
C VAL B 136 -5.96 20.26 15.65
N VAL B 137 -5.66 21.48 15.17
CA VAL B 137 -4.98 21.69 13.89
C VAL B 137 -3.50 22.03 14.08
N ILE B 138 -2.61 21.30 13.42
CA ILE B 138 -1.19 21.67 13.33
C ILE B 138 -0.93 22.25 11.94
N PRO B 139 -0.74 23.56 11.81
CA PRO B 139 -0.49 24.18 10.50
C PRO B 139 0.87 23.81 9.91
N LEU B 140 0.90 23.49 8.62
CA LEU B 140 2.13 23.04 7.99
C LEU B 140 3.06 24.22 7.73
N ARG B 141 2.48 25.41 7.59
CA ARG B 141 3.15 26.69 7.45
C ARG B 141 4.14 26.72 6.27
N ALA B 142 3.76 26.09 5.16
CA ALA B 142 4.64 26.05 4.01
C ALA B 142 4.33 27.19 3.07
N GLY B 143 3.18 27.80 3.29
CA GLY B 143 2.56 28.87 2.53
C GLY B 143 1.87 28.20 1.36
N GLU B 144 1.32 28.99 0.46
CA GLU B 144 0.58 28.38 -0.64
C GLU B 144 1.49 27.67 -1.64
N GLU B 145 1.09 26.47 -2.00
CA GLU B 145 1.80 25.55 -2.88
C GLU B 145 1.12 25.74 -4.23
N LYS B 146 1.78 26.43 -5.17
CA LYS B 146 1.16 26.80 -6.42
C LYS B 146 1.42 25.74 -7.48
N ALA B 147 2.53 25.04 -7.43
CA ALA B 147 2.73 24.01 -8.44
C ALA B 147 1.74 22.88 -8.14
N VAL B 148 1.45 22.08 -9.16
CA VAL B 148 0.55 20.94 -8.98
C VAL B 148 1.26 19.76 -8.31
N ALA B 149 2.54 19.58 -8.57
CA ALA B 149 3.28 18.51 -7.91
C ALA B 149 3.83 19.09 -6.63
N ALA B 150 3.44 18.47 -5.51
CA ALA B 150 3.77 18.96 -4.18
C ALA B 150 5.25 18.74 -3.87
N THR B 151 5.84 19.73 -3.20
CA THR B 151 7.24 19.64 -2.80
C THR B 151 7.37 20.13 -1.36
N LYS B 152 7.34 21.44 -1.18
CA LYS B 152 7.44 22.04 0.16
C LYS B 152 6.37 21.50 1.12
N SER B 153 5.15 21.26 0.63
CA SER B 153 4.08 20.82 1.53
C SER B 153 4.31 19.38 2.04
N TYR B 154 4.96 18.54 1.23
CA TYR B 154 5.32 17.19 1.70
C TYR B 154 6.40 17.24 2.76
N LEU B 155 7.45 18.00 2.49
CA LEU B 155 8.52 18.13 3.47
C LEU B 155 7.98 18.73 4.76
N ALA B 156 7.08 19.72 4.65
CA ALA B 156 6.44 20.29 5.83
C ALA B 156 5.62 19.27 6.59
N THR B 157 4.95 18.35 5.87
CA THR B 157 4.21 17.30 6.54
C THR B 157 5.14 16.36 7.31
N LEU B 158 6.27 16.00 6.73
CA LEU B 158 7.17 15.03 7.40
C LEU B 158 7.81 15.70 8.62
N SER B 159 8.06 17.00 8.55
CA SER B 159 8.67 17.76 9.66
C SER B 159 7.64 17.91 10.77
N ALA B 160 6.40 18.23 10.40
CA ALA B 160 5.37 18.24 11.43
C ALA B 160 5.25 16.87 12.11
N LEU B 161 5.25 15.79 11.32
CA LEU B 161 5.17 14.46 11.92
C LEU B 161 6.37 14.22 12.83
N LEU B 162 7.58 14.55 12.37
CA LEU B 162 8.77 14.37 13.17
C LEU B 162 8.73 15.20 14.44
N GLN B 163 8.24 16.44 14.35
CA GLN B 163 8.20 17.31 15.53
C GLN B 163 7.19 16.78 16.54
N VAL B 164 6.00 16.39 16.07
CA VAL B 164 5.01 15.77 16.94
C VAL B 164 5.60 14.54 17.63
N ALA B 165 6.27 13.68 16.86
CA ALA B 165 6.92 12.49 17.44
C ALA B 165 8.00 12.86 18.45
N ALA B 166 8.85 13.85 18.13
CA ALA B 166 9.86 14.30 19.08
C ALA B 166 9.26 14.82 20.38
N LYS B 167 8.19 15.61 20.29
CA LYS B 167 7.61 16.18 21.50
C LYS B 167 6.89 15.10 22.30
N TRP B 168 6.18 14.23 21.61
CA TRP B 168 5.42 13.15 22.24
C TRP B 168 6.34 12.13 22.92
N THR B 169 7.23 11.50 22.15
CA THR B 169 8.06 10.43 22.68
C THR B 169 9.13 11.01 23.60
N GLN B 170 9.55 12.24 23.30
CA GLN B 170 10.68 12.92 23.93
C GLN B 170 11.98 12.14 23.81
N ASN B 171 12.09 11.28 22.79
CA ASN B 171 13.36 10.61 22.55
C ASN B 171 14.38 11.67 22.14
N GLU B 172 15.42 11.87 22.96
CA GLU B 172 16.30 13.00 22.66
C GLU B 172 17.00 12.86 21.31
N SER B 173 17.21 11.64 20.82
CA SER B 173 17.77 11.47 19.48
C SER B 173 16.85 12.04 18.41
N LEU B 174 15.54 11.79 18.54
CA LEU B 174 14.57 12.34 17.59
C LEU B 174 14.48 13.86 17.71
N VAL B 175 14.59 14.36 18.94
CA VAL B 175 14.62 15.79 19.20
C VAL B 175 15.81 16.42 18.47
N GLU B 176 16.96 15.74 18.56
CA GLU B 176 18.15 16.20 17.85
C GLU B 176 17.92 16.20 16.35
N ALA B 177 17.25 15.17 15.84
CA ALA B 177 16.95 15.11 14.41
C ALA B 177 16.11 16.29 13.95
N VAL B 178 15.01 16.56 14.65
CA VAL B 178 14.15 17.69 14.27
C VAL B 178 14.91 19.00 14.38
N ASN B 179 15.70 19.18 15.45
CA ASN B 179 16.52 20.38 15.59
C ASN B 179 17.52 20.53 14.45
N SER B 180 18.04 19.43 13.90
CA SER B 180 19.02 19.55 12.83
C SER B 180 18.37 19.66 11.46
N LEU B 181 17.06 19.41 11.38
CA LEU B 181 16.36 19.29 10.09
C LEU B 181 16.56 20.48 9.16
N PRO B 182 16.33 21.74 9.57
CA PRO B 182 16.50 22.86 8.62
C PRO B 182 17.89 22.90 8.00
N GLN B 183 18.92 22.63 8.80
CA GLN B 183 20.28 22.68 8.29
C GLN B 183 20.55 21.54 7.32
N ALA B 184 20.00 20.35 7.60
CA ALA B 184 20.19 19.23 6.69
C ALA B 184 19.48 19.47 5.36
N LEU B 185 18.29 20.09 5.40
CA LEU B 185 17.60 20.46 4.17
C LEU B 185 18.37 21.52 3.40
N GLN B 186 18.94 22.52 4.08
CA GLN B 186 19.70 23.53 3.36
C GLN B 186 20.92 22.91 2.70
N ALA B 187 21.63 22.05 3.43
CA ALA B 187 22.75 21.32 2.86
C ALA B 187 22.33 20.52 1.63
N ALA B 188 21.17 19.89 1.70
CA ALA B 188 20.63 19.15 0.55
C ALA B 188 20.37 20.08 -0.64
N VAL B 189 19.81 21.26 -0.40
CA VAL B 189 19.60 22.21 -1.50
C VAL B 189 20.92 22.58 -2.16
N ASP B 190 21.95 22.83 -1.35
CA ASP B 190 23.25 23.23 -1.87
C ASP B 190 24.07 22.10 -2.50
N ALA B 191 23.67 20.84 -2.33
CA ALA B 191 24.50 19.78 -2.90
C ALA B 191 24.36 19.71 -4.42
N GLU B 192 25.25 18.93 -5.03
CA GLU B 192 25.27 18.76 -6.47
C GLU B 192 24.12 17.86 -6.92
N PRO B 193 23.55 18.12 -8.11
CA PRO B 193 22.41 17.31 -8.56
C PRO B 193 22.73 15.82 -8.58
N GLN B 194 21.74 15.02 -8.17
CA GLN B 194 21.85 13.57 -8.16
C GLN B 194 21.13 12.83 -9.29
N LEU B 195 19.98 13.33 -9.76
CA LEU B 195 19.24 12.69 -10.83
C LEU B 195 19.17 13.60 -12.05
N ARG B 196 19.47 13.04 -13.21
CA ARG B 196 19.41 13.79 -14.45
C ARG B 196 18.61 13.03 -15.51
N ALA B 197 17.90 13.80 -16.35
CA ALA B 197 17.01 13.22 -17.35
C ALA B 197 17.71 12.20 -18.24
N GLY B 198 18.97 12.46 -18.61
CA GLY B 198 19.69 11.53 -19.46
C GLY B 198 19.62 10.08 -19.00
N SER B 199 19.60 9.87 -17.68
CA SER B 199 19.46 8.51 -17.16
C SER B 199 18.08 7.93 -17.47
N LEU B 200 17.06 8.78 -17.63
CA LEU B 200 15.69 8.35 -17.86
C LEU B 200 15.22 8.36 -19.31
N THR B 201 15.90 9.08 -20.21
CA THR B 201 15.51 9.09 -21.63
C THR B 201 15.27 7.69 -22.19
N ASP B 202 14.07 7.48 -22.77
CA ASP B 202 13.62 6.21 -23.38
C ASP B 202 13.16 5.20 -22.34
N VAL B 203 13.01 5.60 -21.08
CA VAL B 203 12.50 4.76 -20.01
C VAL B 203 11.06 5.14 -19.71
N LYS B 204 10.13 4.22 -20.00
CA LYS B 204 8.68 4.48 -19.78
C LYS B 204 8.19 3.79 -18.49
N ASN B 205 8.88 2.75 -18.02
CA ASN B 205 8.48 2.10 -16.75
C ASN B 205 9.72 1.96 -15.88
N LEU B 206 9.54 1.99 -14.56
CA LEU B 206 10.66 2.01 -13.61
C LEU B 206 10.23 1.33 -12.32
N VAL B 207 11.15 0.78 -11.55
CA VAL B 207 10.80 0.28 -10.20
C VAL B 207 11.71 1.00 -9.21
N VAL B 208 11.14 1.59 -8.16
CA VAL B 208 11.97 2.31 -7.16
C VAL B 208 12.08 1.43 -5.91
N LEU B 209 13.29 1.02 -5.51
CA LEU B 209 13.43 0.15 -4.36
C LEU B 209 13.97 0.87 -3.13
N GLY B 210 13.34 0.59 -1.99
CA GLY B 210 13.77 1.18 -0.73
C GLY B 210 13.35 0.25 0.39
N ARG B 211 13.85 0.56 1.59
CA ARG B 211 13.51 -0.24 2.76
C ARG B 211 13.20 0.69 3.91
N GLY B 212 12.20 0.33 4.71
CA GLY B 212 11.88 1.12 5.90
C GLY B 212 11.49 2.55 5.55
N PHE B 213 12.14 3.52 6.21
CA PHE B 213 11.90 4.92 5.87
C PHE B 213 12.19 5.17 4.39
N GLY B 214 13.22 4.50 3.86
CA GLY B 214 13.55 4.61 2.45
C GLY B 214 12.42 4.17 1.55
N TYR B 215 11.66 3.18 1.98
CA TYR B 215 10.47 2.77 1.24
C TYR B 215 9.42 3.87 1.24
N ALA B 216 9.15 4.46 2.41
CA ALA B 216 8.18 5.56 2.50
C ALA B 216 8.50 6.68 1.51
N VAL B 217 9.77 7.04 1.37
CA VAL B 217 10.14 8.08 0.42
C VAL B 217 9.97 7.57 -1.01
N SER B 218 10.28 6.29 -1.24
CA SER B 218 10.19 5.71 -2.58
C SER B 218 8.78 5.87 -3.16
N LYS B 219 7.77 5.77 -2.31
CA LYS B 219 6.38 5.91 -2.77
C LYS B 219 6.17 7.29 -3.36
N GLU B 220 6.73 8.30 -2.72
CA GLU B 220 6.61 9.67 -3.21
C GLU B 220 7.40 9.87 -4.50
N ILE B 221 8.60 9.26 -4.59
CA ILE B 221 9.41 9.43 -5.80
C ILE B 221 8.73 8.83 -7.01
N ALA B 222 8.18 7.62 -6.87
CA ALA B 222 7.49 7.02 -7.99
C ALA B 222 6.35 7.92 -8.44
N LEU B 223 5.64 8.52 -7.48
CA LEU B 223 4.53 9.39 -7.83
C LEU B 223 5.01 10.56 -8.65
N LYS B 224 6.12 11.19 -8.23
CA LYS B 224 6.59 12.34 -8.98
C LYS B 224 7.02 11.92 -10.37
N LEU B 225 7.61 10.72 -10.48
CA LEU B 225 8.03 10.24 -11.79
C LEU B 225 6.83 10.07 -12.68
N LYS B 226 5.72 9.56 -12.10
CA LYS B 226 4.48 9.46 -12.85
C LYS B 226 3.88 10.84 -13.11
N GLU B 227 3.78 11.64 -12.04
CA GLU B 227 3.15 12.96 -12.10
C GLU B 227 3.84 13.96 -13.04
N VAL B 228 5.16 14.10 -12.98
CA VAL B 228 5.83 15.15 -13.73
C VAL B 228 6.72 14.62 -14.84
N CYS B 229 6.80 13.31 -15.04
CA CYS B 229 7.60 12.78 -16.14
C CYS B 229 6.87 11.77 -17.01
N ALA B 230 5.65 11.37 -16.65
CA ALA B 230 4.90 10.36 -17.38
C ALA B 230 5.69 9.06 -17.48
N ILE B 231 6.40 8.70 -16.42
CA ILE B 231 7.14 7.45 -16.34
C ILE B 231 6.40 6.55 -15.36
N HIS B 232 5.97 5.38 -15.83
CA HIS B 232 5.27 4.47 -14.93
C HIS B 232 6.27 3.90 -13.93
N ALA B 233 6.43 4.62 -12.83
CA ALA B 233 7.30 4.27 -11.72
C ALA B 233 6.48 3.60 -10.63
N GLU B 234 7.07 2.63 -9.97
CA GLU B 234 6.39 1.92 -8.89
C GLU B 234 7.40 1.69 -7.77
N ALA B 235 6.94 1.91 -6.54
CA ALA B 235 7.78 1.83 -5.35
C ALA B 235 7.61 0.46 -4.74
N PHE B 236 8.73 -0.17 -4.38
CA PHE B 236 8.68 -1.41 -3.64
C PHE B 236 9.65 -1.42 -2.46
N SER B 237 9.30 -2.30 -1.53
CA SER B 237 10.20 -2.72 -0.47
C SER B 237 11.30 -3.55 -1.11
N SER B 238 12.56 -3.33 -0.73
CA SER B 238 13.57 -4.21 -1.30
C SER B 238 13.39 -5.65 -0.79
N ALA B 239 12.71 -5.83 0.35
CA ALA B 239 12.39 -7.17 0.87
C ALA B 239 11.25 -7.83 0.10
N GLU B 240 10.25 -7.05 -0.29
CA GLU B 240 9.00 -7.52 -0.89
C GLU B 240 9.13 -7.62 -2.39
N PHE B 241 10.15 -6.97 -2.95
CA PHE B 241 10.35 -7.02 -4.39
C PHE B 241 10.74 -8.40 -4.86
N LEU B 242 11.34 -9.21 -4.00
CA LEU B 242 11.82 -10.53 -4.43
C LEU B 242 10.75 -11.61 -4.31
N HIS B 243 9.53 -11.25 -3.94
CA HIS B 243 8.43 -12.20 -3.84
C HIS B 243 7.52 -12.14 -5.07
N GLY B 244 8.09 -12.15 -6.26
CA GLY B 244 7.30 -12.09 -7.47
C GLY B 244 7.78 -11.08 -8.50
N PRO B 245 7.86 -9.80 -8.11
CA PRO B 245 8.16 -8.76 -9.10
C PRO B 245 9.53 -8.85 -9.77
N VAL B 246 10.52 -9.54 -9.18
CA VAL B 246 11.86 -9.58 -9.77
C VAL B 246 11.89 -10.22 -11.15
N THR B 247 10.83 -10.95 -11.54
CA THR B 247 10.78 -11.44 -12.92
C THR B 247 10.89 -10.30 -13.92
N LEU B 248 10.37 -9.10 -13.57
CA LEU B 248 10.50 -7.95 -14.45
C LEU B 248 11.94 -7.58 -14.70
N VAL B 249 12.82 -7.89 -13.74
CA VAL B 249 14.26 -7.68 -13.93
C VAL B 249 14.74 -8.40 -15.18
N GLU B 250 14.31 -9.64 -15.37
CA GLU B 250 14.74 -10.44 -16.52
C GLU B 250 14.28 -9.85 -17.85
N KCX B 251 13.46 -8.81 -17.78
CA KCX B 251 12.97 -8.14 -19.02
CB KCX B 251 11.44 -8.07 -19.02
CG KCX B 251 10.79 -8.24 -20.39
CD KCX B 251 9.28 -8.22 -20.35
CE KCX B 251 8.70 -8.52 -21.72
NZ KCX B 251 7.28 -8.18 -21.80
C KCX B 251 13.60 -6.74 -19.11
O KCX B 251 12.94 -5.84 -19.67
CX KCX B 251 6.34 -9.08 -22.11
OQ1 KCX B 251 5.19 -8.81 -22.32
OQ2 KCX B 251 6.80 -10.34 -22.16
N LYS B 252 14.81 -6.58 -18.56
CA LYS B 252 15.57 -5.33 -18.62
C LYS B 252 14.90 -4.19 -17.85
N LEU B 253 14.91 -4.29 -16.52
CA LEU B 253 14.27 -3.30 -15.67
C LEU B 253 15.26 -2.29 -15.10
N SER B 254 14.79 -1.05 -15.09
CA SER B 254 15.45 0.20 -14.64
C SER B 254 14.97 0.53 -13.23
N ILE B 255 15.86 0.39 -12.26
CA ILE B 255 15.52 0.45 -10.85
C ILE B 255 16.28 1.63 -10.24
N LEU B 256 15.56 2.44 -9.48
CA LEU B 256 16.07 3.58 -8.75
C LEU B 256 16.18 3.21 -7.28
N ASP B 257 17.39 3.33 -6.73
CA ASP B 257 17.67 2.91 -5.33
C ASP B 257 17.63 4.09 -4.36
N VAL B 258 16.68 4.07 -3.44
CA VAL B 258 16.64 5.11 -2.37
C VAL B 258 17.46 4.52 -1.22
N CYS B 259 18.75 4.86 -1.16
CA CYS B 259 19.66 4.33 -0.12
C CYS B 259 19.69 5.33 1.02
N ILE B 260 19.08 4.96 2.14
CA ILE B 260 19.05 5.82 3.35
C ILE B 260 19.95 5.15 4.37
N ARG B 261 20.82 5.92 5.00
CA ARG B 261 21.77 5.35 5.98
C ARG B 261 21.18 5.34 7.37
N ASP B 262 20.20 4.48 7.59
CA ASP B 262 19.61 4.26 8.93
C ASP B 262 19.94 2.81 9.30
N GLU B 263 19.10 2.13 10.08
CA GLU B 263 19.55 0.75 10.44
C GLU B 263 19.19 -0.28 9.36
N SER B 264 18.47 0.13 8.34
CA SER B 264 18.07 -0.74 7.22
C SER B 264 19.08 -0.65 6.08
N TYR B 265 20.25 -0.09 6.31
CA TYR B 265 21.30 0.11 5.29
C TYR B 265 21.85 -1.23 4.84
N GLY B 266 22.38 -2.00 5.77
CA GLY B 266 22.98 -3.30 5.43
C GLY B 266 22.01 -4.23 4.72
N SER B 267 20.75 -4.26 5.14
CA SER B 267 19.79 -5.15 4.45
C SER B 267 19.49 -4.58 3.07
N HIS B 268 19.22 -3.28 2.96
CA HIS B 268 18.92 -2.69 1.65
C HIS B 268 20.09 -2.89 0.71
N VAL B 269 21.29 -2.46 1.07
CA VAL B 269 22.46 -2.70 0.22
C VAL B 269 22.57 -4.17 -0.19
N GLU B 270 22.32 -5.11 0.74
CA GLU B 270 22.45 -6.52 0.38
C GLU B 270 21.38 -6.92 -0.64
N GLN B 271 20.15 -6.42 -0.48
CA GLN B 271 19.10 -6.68 -1.45
C GLN B 271 19.38 -6.05 -2.81
N ILE B 272 19.86 -4.81 -2.81
CA ILE B 272 20.23 -4.15 -4.05
C ILE B 272 21.36 -4.90 -4.74
N ALA B 273 22.31 -5.42 -3.97
CA ALA B 273 23.39 -6.19 -4.56
C ALA B 273 22.88 -7.47 -5.21
N ASN B 274 21.90 -8.11 -4.55
CA ASN B 274 21.24 -9.27 -5.13
C ASN B 274 20.57 -8.92 -6.45
N VAL B 275 19.79 -7.84 -6.47
CA VAL B 275 19.10 -7.41 -7.70
C VAL B 275 20.11 -7.02 -8.78
N LYS B 276 21.22 -6.42 -8.39
CA LYS B 276 22.27 -6.06 -9.34
C LYS B 276 22.85 -7.33 -9.96
N GLN B 277 23.07 -8.35 -9.12
CA GLN B 277 23.58 -9.61 -9.63
C GLN B 277 22.56 -10.23 -10.57
N ARG B 278 21.28 -10.02 -10.31
CA ARG B 278 20.25 -10.49 -11.22
C ARG B 278 20.11 -9.63 -12.47
N GLY B 279 21.03 -8.70 -12.74
CA GLY B 279 21.03 -8.04 -14.03
C GLY B 279 20.16 -6.80 -14.25
N ALA B 280 20.14 -5.87 -13.31
CA ALA B 280 19.32 -4.68 -13.48
C ALA B 280 20.20 -3.47 -13.74
N ASN B 281 19.58 -2.41 -14.27
CA ASN B 281 20.27 -1.15 -14.49
C ASN B 281 19.81 -0.21 -13.39
N LEU B 282 20.75 0.19 -12.55
CA LEU B 282 20.46 0.87 -11.31
C LEU B 282 20.92 2.32 -11.35
N ILE B 283 20.08 3.20 -10.82
CA ILE B 283 20.40 4.59 -10.65
C ILE B 283 20.30 4.78 -9.15
N HIS B 284 21.37 5.28 -8.55
CA HIS B 284 21.43 5.36 -7.10
C HIS B 284 21.14 6.79 -6.70
N LEU B 285 20.13 6.96 -5.85
CA LEU B 285 19.89 8.21 -5.16
C LEU B 285 20.38 8.03 -3.73
N HIS B 286 20.84 9.11 -3.12
CA HIS B 286 21.32 9.00 -1.76
C HIS B 286 21.12 10.32 -1.05
N GLN B 287 21.16 10.25 0.28
CA GLN B 287 21.16 11.46 1.06
C GLN B 287 22.41 12.22 0.68
N THR B 288 22.35 13.54 0.76
CA THR B 288 23.48 14.37 0.35
C THR B 288 24.66 14.46 1.31
N SER B 289 24.49 14.15 2.58
CA SER B 289 25.61 14.16 3.51
C SER B 289 25.52 12.97 4.45
N ALA B 290 26.67 12.37 4.73
CA ALA B 290 26.81 11.18 5.56
C ALA B 290 26.91 11.59 7.02
N ASP B 291 26.66 12.88 7.26
CA ASP B 291 26.66 13.53 8.56
C ASP B 291 25.29 14.14 8.78
N ILE B 292 24.25 13.35 8.53
CA ILE B 292 22.86 13.74 8.74
C ILE B 292 22.28 12.67 9.65
N HIS B 293 21.29 13.05 10.43
CA HIS B 293 20.61 12.12 11.34
C HIS B 293 19.88 11.05 10.54
N PRO B 294 19.95 9.78 10.97
CA PRO B 294 19.32 8.72 10.15
C PRO B 294 17.85 8.98 9.89
N ARG B 295 17.14 9.63 10.82
CA ARG B 295 15.72 9.90 10.65
C ARG B 295 15.46 11.08 9.71
N ILE B 296 16.50 11.89 9.46
CA ILE B 296 16.33 13.14 8.66
C ILE B 296 16.81 12.94 7.22
N ALA B 297 17.65 11.95 6.97
CA ALA B 297 18.21 11.73 5.62
C ALA B 297 17.09 11.48 4.60
N PRO B 298 16.07 10.66 4.89
CA PRO B 298 14.97 10.47 3.96
C PRO B 298 14.54 11.81 3.36
N LEU B 299 14.43 12.86 4.16
CA LEU B 299 14.01 14.19 3.74
C LEU B 299 15.09 14.91 2.93
N ALA B 300 16.35 14.74 3.34
CA ALA B 300 17.47 15.31 2.59
C ALA B 300 17.54 14.73 1.19
N LEU B 301 17.34 13.43 1.07
CA LEU B 301 17.34 12.81 -0.25
C LEU B 301 16.19 13.33 -1.10
N LEU B 302 15.03 13.50 -0.49
CA LEU B 302 13.88 14.05 -1.19
C LEU B 302 14.12 15.49 -1.66
N GLN B 303 14.77 16.34 -0.86
CA GLN B 303 15.03 17.72 -1.33
C GLN B 303 15.79 17.76 -2.66
N ARG B 304 16.87 16.99 -2.72
CA ARG B 304 17.69 16.92 -3.92
C ARG B 304 16.86 16.37 -5.07
N PHE B 305 16.12 15.28 -4.81
CA PHE B 305 15.26 14.70 -5.84
C PHE B 305 14.24 15.70 -6.38
N TYR B 306 13.60 16.49 -5.52
CA TYR B 306 12.59 17.43 -6.04
C TYR B 306 13.23 18.45 -6.98
N ILE B 307 14.40 18.98 -6.61
CA ILE B 307 15.02 19.94 -7.50
C ILE B 307 15.45 19.28 -8.80
N ASP B 308 16.06 18.10 -8.71
CA ASP B 308 16.61 17.46 -9.92
C ASP B 308 15.49 16.95 -10.82
N VAL B 309 14.34 16.57 -10.24
CA VAL B 309 13.21 16.04 -11.05
C VAL B 309 12.52 17.19 -11.77
N ALA B 310 12.52 18.38 -11.21
CA ALA B 310 11.95 19.49 -11.97
C ALA B 310 12.70 19.65 -13.29
N ALA B 311 14.03 19.54 -13.25
CA ALA B 311 14.83 19.65 -14.46
C ALA B 311 14.62 18.45 -15.39
N VAL B 312 14.48 17.25 -14.84
CA VAL B 312 14.16 16.10 -15.71
C VAL B 312 12.82 16.33 -16.40
N ALA B 313 11.84 16.84 -15.65
CA ALA B 313 10.53 17.14 -16.23
C ALA B 313 10.69 18.07 -17.42
N ILE B 314 11.29 19.24 -17.18
CA ILE B 314 11.50 20.22 -18.26
C ILE B 314 12.25 19.60 -19.44
N ALA B 315 13.23 18.75 -19.16
CA ALA B 315 13.98 18.12 -20.25
C ALA B 315 13.10 17.15 -21.05
N LEU B 316 12.14 16.48 -20.41
CA LEU B 316 11.24 15.60 -21.15
C LEU B 316 10.05 16.34 -21.79
N GLY B 317 10.05 17.67 -21.77
CA GLY B 317 8.94 18.42 -22.32
C GLY B 317 7.66 18.48 -21.51
N ILE B 318 7.70 18.16 -20.23
CA ILE B 318 6.52 18.21 -19.38
C ILE B 318 6.64 19.45 -18.50
N ASN B 319 5.53 20.17 -18.33
CA ASN B 319 5.58 21.30 -17.40
C ASN B 319 5.16 20.84 -16.01
N PRO B 320 6.13 20.66 -15.10
CA PRO B 320 5.80 20.10 -13.79
C PRO B 320 4.89 20.98 -12.95
N ASP B 321 4.74 22.28 -13.30
CA ASP B 321 3.81 23.10 -12.53
C ASP B 321 2.39 23.05 -13.06
N LYS B 322 2.16 22.39 -14.21
CA LYS B 322 0.82 22.18 -14.74
C LYS B 322 0.82 20.88 -15.53
N PRO B 323 0.98 19.74 -14.86
CA PRO B 323 1.01 18.46 -15.59
C PRO B 323 -0.31 18.20 -16.29
N ALA B 324 -0.22 17.42 -17.37
CA ALA B 324 -1.35 17.24 -18.27
C ALA B 324 -2.53 16.60 -17.53
N GLY B 325 -3.65 17.32 -17.49
CA GLY B 325 -4.87 16.81 -16.89
C GLY B 325 -4.81 16.63 -15.39
N LEU B 326 -4.19 17.58 -14.67
CA LEU B 326 -4.05 17.50 -13.23
C LEU B 326 -4.37 18.85 -12.60
N LYS B 327 -4.80 18.82 -11.35
CA LYS B 327 -5.12 20.02 -10.59
C LYS B 327 -4.49 19.94 -9.20
N LYS B 328 -4.25 21.11 -8.61
CA LYS B 328 -3.73 21.16 -7.25
C LYS B 328 -4.72 20.57 -6.26
N VAL B 329 -5.97 21.01 -6.31
CA VAL B 329 -7.03 20.44 -5.50
C VAL B 329 -7.74 19.39 -6.35
N THR B 330 -7.58 18.12 -5.97
CA THR B 330 -8.24 17.01 -6.64
C THR B 330 -9.27 16.42 -5.69
N GLN B 331 -10.50 16.26 -6.17
CA GLN B 331 -11.64 15.90 -5.33
C GLN B 331 -12.26 14.61 -5.81
N THR B 332 -12.24 13.59 -4.96
CA THR B 332 -12.89 12.32 -5.22
C THR B 332 -13.68 11.90 -3.98
N LEU B 333 -14.47 10.85 -4.12
CA LEU B 333 -15.21 10.30 -2.99
C LEU B 333 -14.64 8.94 -2.58
C1 AGP C . 2.63 -15.41 -5.39
O1 AGP C . 2.11 -16.15 -6.49
C2 AGP C . 4.10 -15.75 -5.12
N2 AGP C . 4.28 -17.19 -4.84
C3 AGP C . 4.70 -14.89 -4.00
O3 AGP C . 4.38 -13.53 -4.26
C4 AGP C . 4.26 -15.27 -2.58
O4 AGP C . 2.89 -14.93 -2.37
C5 AGP C . 5.12 -14.63 -1.48
O5 AGP C . 6.48 -15.01 -1.64
C6 AGP C . 4.64 -15.00 -0.10
O6 AGP C . 4.66 -16.45 0.05
P AGP C . 3.81 -17.12 1.25
O1P AGP C . 2.37 -16.68 1.02
O2P AGP C . 4.40 -16.58 2.54
O3P AGP C . 4.00 -18.62 1.09
C1 AGP D . 2.38 -2.24 0.27
O1 AGP D . 1.17 -1.74 -0.28
C2 AGP D . 2.12 -3.33 1.31
N2 AGP D . 1.40 -2.82 2.49
C3 AGP D . 3.39 -4.12 1.67
O3 AGP D . 3.94 -4.70 0.49
C4 AGP D . 4.48 -3.36 2.43
O4 AGP D . 5.12 -2.43 1.56
C5 AGP D . 5.55 -4.27 3.06
O5 AGP D . 4.93 -5.14 4.00
C6 AGP D . 6.67 -3.50 3.71
O6 AGP D . 7.67 -4.43 4.21
P AGP D . 8.96 -3.85 4.98
O1P AGP D . 8.43 -3.09 6.18
O2P AGP D . 9.78 -5.07 5.38
O3P AGP D . 9.69 -2.96 3.99
MG MG E . 3.38 -14.29 3.88
MG MG F . -9.81 0.84 -3.11
C1 GOL G . -23.43 -3.03 9.14
O1 GOL G . -22.62 -1.90 9.37
C2 GOL G . -22.54 -4.25 8.91
O2 GOL G . -22.46 -5.00 10.10
C3 GOL G . -23.12 -5.14 7.80
O3 GOL G . -22.73 -4.66 6.53
C1 AGP H . -2.10 1.95 -1.01
O1 AGP H . -0.79 1.53 -0.67
C2 AGP H . -2.61 3.05 -0.07
N2 AGP H . -2.86 2.54 1.30
C3 AGP H . -3.84 3.78 -0.64
O3 AGP H . -3.63 4.06 -2.01
C4 AGP H . -5.18 3.06 -0.46
O4 AGP H . -5.36 2.10 -1.48
C5 AGP H . -6.38 4.02 -0.42
O5 AGP H . -6.46 4.63 0.87
C6 AGP H . -7.68 3.33 -0.74
O6 AGP H . -8.75 4.31 -0.72
P AGP H . -10.25 3.82 -1.04
O1P AGP H . -10.20 3.29 -2.46
O2P AGP H . -11.13 5.04 -0.89
O3P AGP H . -10.55 2.74 -0.01
C1 AGP I . 0.79 15.53 -5.29
O1 AGP I . 1.91 15.93 -6.07
C2 AGP I . -0.53 15.72 -6.04
N2 AGP I . -0.85 17.15 -6.26
C3 AGP I . -1.69 14.95 -5.40
O3 AGP I . -1.32 13.58 -5.30
C4 AGP I . -2.17 15.46 -4.04
O4 AGP I . -1.18 15.20 -3.04
C5 AGP I . -3.50 14.85 -3.60
O5 AGP I . -4.56 15.34 -4.43
C6 AGP I . -3.81 15.11 -2.15
O6 AGP I . -3.91 16.54 -1.92
P AGP I . -4.08 17.06 -0.40
O1P AGP I . -5.31 16.36 0.13
O2P AGP I . -4.24 18.57 -0.52
O3P AGP I . -2.80 16.66 0.32
C1 GOL J . 7.53 8.54 -23.09
O1 GOL J . 7.95 7.19 -23.06
C2 GOL J . 7.80 9.20 -21.75
O2 GOL J . 9.18 9.12 -21.45
C3 GOL J . 7.39 10.67 -21.82
O3 GOL J . 7.63 11.30 -20.57
#